data_9FXE
#
_entry.id   9FXE
#
_cell.length_a   120.525
_cell.length_b   120.525
_cell.length_c   241.206
_cell.angle_alpha   90.000
_cell.angle_beta   90.000
_cell.angle_gamma   120.000
#
_symmetry.space_group_name_H-M   'P 61 2 2'
#
loop_
_entity.id
_entity.type
_entity.pdbx_description
1 polymer 'Purine nucleoside phosphorylase DeoD-type'
2 non-polymer 'PHOSPHATE ION'
3 non-polymer N,2,3-etheno-2-aminopurine
4 water water
#
_entity_poly.entity_id   1
_entity_poly.type   'polypeptide(L)'
_entity_poly.pdbx_seq_one_letter_code
;MATPHINAEMGDFADVVLMPGDPLRAKYIAETFLEDAREVNNVRGMLGFTGTYKGRKISVMGHGMGIPSCSIYTKELITD
FGVKKIIRVGSCGAVLPHVKLRDVVIGMGACTDSKVNRIRFKDHDFAAIADFDMVRNAVDAAKALGIDARVGNLFSADLF
YSPDGEMFDVMEKYGILGVEMEAAGIYGVAAEFGAKALTICTVSNHIRTHEQTTAAERQTTFNDMIKIALESVLLGDKE
;
_entity_poly.pdbx_strand_id   A,C,B
#
loop_
_chem_comp.id
_chem_comp.type
_chem_comp.name
_chem_comp.formula
A1IEC non-polymer N,2,3-etheno-2-aminopurine 'C7 H5 N5'
PO4 non-polymer 'PHOSPHATE ION' 'O4 P -3'
#
# COMPACT_ATOMS: atom_id res chain seq x y z
N ALA A 2 -7.06 21.50 -18.97
CA ALA A 2 -6.79 20.12 -18.60
C ALA A 2 -6.29 20.05 -17.16
N THR A 3 -6.75 19.05 -16.41
CA THR A 3 -6.22 18.69 -15.11
C THR A 3 -5.46 17.38 -15.24
N PRO A 4 -4.73 16.96 -14.21
CA PRO A 4 -3.91 15.75 -14.37
C PRO A 4 -4.70 14.49 -14.69
N HIS A 5 -6.01 14.45 -14.48
CA HIS A 5 -6.76 13.24 -14.80
C HIS A 5 -7.95 13.48 -15.72
N ILE A 6 -8.13 14.70 -16.22
CA ILE A 6 -9.25 15.03 -17.09
C ILE A 6 -8.72 15.87 -18.24
N ASN A 7 -8.91 15.40 -19.47
CA ASN A 7 -8.46 16.15 -20.65
C ASN A 7 -9.68 16.87 -21.23
N ALA A 8 -9.96 18.02 -20.64
CA ALA A 8 -11.07 18.87 -21.05
C ALA A 8 -10.73 20.28 -20.58
N GLU A 9 -11.58 21.23 -20.97
CA GLU A 9 -11.34 22.63 -20.61
C GLU A 9 -12.59 23.19 -19.94
N MET A 10 -12.40 24.26 -19.18
CA MET A 10 -13.52 24.97 -18.58
C MET A 10 -14.62 25.19 -19.61
N GLY A 11 -15.84 24.78 -19.27
CA GLY A 11 -16.98 24.87 -20.15
C GLY A 11 -17.43 23.54 -20.71
N ASP A 12 -16.52 22.54 -20.78
CA ASP A 12 -16.88 21.23 -21.29
C ASP A 12 -17.84 20.49 -20.37
N PHE A 13 -17.80 20.80 -19.07
CA PHE A 13 -18.66 20.15 -18.10
C PHE A 13 -19.80 21.09 -17.72
N ALA A 14 -20.98 20.52 -17.50
CA ALA A 14 -22.06 21.27 -16.88
C ALA A 14 -21.70 21.61 -15.43
N ASP A 15 -22.51 22.45 -14.81
CA ASP A 15 -22.21 22.77 -13.42
C ASP A 15 -22.72 21.70 -12.47
N VAL A 16 -23.42 20.68 -12.98
CA VAL A 16 -23.86 19.52 -12.23
C VAL A 16 -23.32 18.29 -12.94
N VAL A 17 -22.76 17.35 -12.18
CA VAL A 17 -22.19 16.14 -12.75
C VAL A 17 -22.73 14.95 -11.97
N LEU A 18 -23.47 14.07 -12.65
CA LEU A 18 -23.79 12.77 -12.09
C LEU A 18 -22.58 11.87 -12.25
N MET A 19 -22.25 11.13 -11.20
CA MET A 19 -21.06 10.30 -11.30
C MET A 19 -21.32 8.92 -10.73
N PRO A 20 -21.34 7.89 -11.58
CA PRO A 20 -21.26 6.52 -11.10
C PRO A 20 -19.78 6.17 -10.95
N GLY A 21 -19.53 5.00 -10.33
CA GLY A 21 -18.16 4.52 -10.28
C GLY A 21 -17.71 3.90 -11.59
N ASP A 22 -18.63 3.30 -12.31
CA ASP A 22 -18.34 2.55 -13.53
C ASP A 22 -18.38 3.49 -14.73
N PRO A 23 -17.25 3.74 -15.40
CA PRO A 23 -17.30 4.62 -16.60
C PRO A 23 -18.24 4.12 -17.67
N LEU A 24 -18.38 2.80 -17.83
CA LEU A 24 -19.36 2.28 -18.78
C LEU A 24 -20.78 2.66 -18.39
N ARG A 25 -21.03 2.85 -17.09
CA ARG A 25 -22.35 3.29 -16.68
C ARG A 25 -22.58 4.75 -17.03
N ALA A 26 -21.54 5.58 -16.92
CA ALA A 26 -21.66 6.96 -17.38
C ALA A 26 -22.00 7.00 -18.85
N LYS A 27 -21.33 6.15 -19.64
CA LYS A 27 -21.63 6.04 -21.07
C LYS A 27 -23.08 5.64 -21.29
N TYR A 28 -23.58 4.69 -20.49
CA TYR A 28 -24.97 4.27 -20.61
C TYR A 28 -25.93 5.40 -20.25
N ILE A 29 -25.60 6.17 -19.20
CA ILE A 29 -26.47 7.26 -18.78
C ILE A 29 -26.56 8.32 -19.88
N ALA A 30 -25.42 8.65 -20.49
CA ALA A 30 -25.41 9.69 -21.50
C ALA A 30 -26.18 9.25 -22.74
N GLU A 31 -26.06 7.97 -23.12
CA GLU A 31 -26.76 7.48 -24.29
C GLU A 31 -28.26 7.39 -24.06
N THR A 32 -28.65 6.96 -22.86
CA THR A 32 -30.04 6.66 -22.55
C THR A 32 -30.82 7.88 -22.08
N PHE A 33 -30.18 8.83 -21.40
CA PHE A 33 -30.93 9.89 -20.74
C PHE A 33 -30.64 11.28 -21.27
N LEU A 34 -29.51 11.49 -21.93
CA LEU A 34 -29.14 12.81 -22.39
C LEU A 34 -29.33 12.92 -23.90
N GLU A 35 -29.46 14.16 -24.35
CA GLU A 35 -29.57 14.46 -25.77
C GLU A 35 -28.32 15.18 -26.22
N ASP A 36 -27.92 14.94 -27.46
CA ASP A 36 -26.76 15.60 -28.05
C ASP A 36 -25.53 15.40 -27.17
N ALA A 37 -25.43 14.20 -26.59
CA ALA A 37 -24.35 13.89 -25.68
C ALA A 37 -23.01 13.86 -26.41
N ARG A 38 -22.04 14.62 -25.92
CA ARG A 38 -20.68 14.60 -26.44
C ARG A 38 -19.73 14.11 -25.34
N GLU A 39 -18.71 13.35 -25.76
CA GLU A 39 -17.71 12.84 -24.84
C GLU A 39 -16.66 13.90 -24.59
N VAL A 40 -16.38 14.19 -23.32
CA VAL A 40 -15.42 15.24 -22.99
C VAL A 40 -14.20 14.72 -22.25
N ASN A 41 -14.12 13.41 -22.01
CA ASN A 41 -12.91 12.89 -21.38
C ASN A 41 -12.83 11.39 -21.59
N ASN A 42 -11.61 10.92 -21.80
CA ASN A 42 -11.31 9.49 -21.85
C ASN A 42 -10.00 9.15 -21.14
N VAL A 43 -9.35 10.11 -20.49
CA VAL A 43 -8.11 9.82 -19.77
C VAL A 43 -8.37 8.67 -18.80
N ARG A 44 -7.47 7.68 -18.81
CA ARG A 44 -7.56 6.49 -17.96
C ARG A 44 -8.87 5.73 -18.15
N GLY A 45 -9.55 5.95 -19.27
CA GLY A 45 -10.81 5.28 -19.51
C GLY A 45 -11.96 5.82 -18.70
N MET A 46 -11.77 6.91 -17.95
CA MET A 46 -12.83 7.43 -17.09
C MET A 46 -13.74 8.34 -17.92
N LEU A 47 -14.62 7.67 -18.67
CA LEU A 47 -15.45 8.34 -19.67
C LEU A 47 -16.35 9.41 -19.03
N GLY A 48 -16.33 10.60 -19.61
CA GLY A 48 -17.23 11.67 -19.19
C GLY A 48 -17.95 12.28 -20.37
N PHE A 49 -19.20 12.67 -20.14
CA PHE A 49 -20.08 13.16 -21.21
C PHE A 49 -20.85 14.38 -20.76
N THR A 50 -21.15 15.26 -21.72
CA THR A 50 -22.00 16.41 -21.47
C THR A 50 -23.12 16.48 -22.52
N GLY A 51 -24.33 16.72 -22.06
CA GLY A 51 -25.49 16.84 -22.92
C GLY A 51 -26.55 17.60 -22.17
N THR A 52 -27.80 17.40 -22.60
CA THR A 52 -28.92 18.08 -21.95
C THR A 52 -29.95 17.06 -21.54
N TYR A 53 -30.65 17.39 -20.46
CA TYR A 53 -31.81 16.67 -19.99
C TYR A 53 -32.93 17.68 -19.90
N LYS A 54 -33.94 17.53 -20.77
CA LYS A 54 -35.07 18.45 -20.84
C LYS A 54 -34.58 19.89 -20.95
N GLY A 55 -33.52 20.09 -21.73
CA GLY A 55 -32.96 21.41 -21.98
C GLY A 55 -31.92 21.86 -20.98
N ARG A 56 -31.78 21.16 -19.86
CA ARG A 56 -30.82 21.50 -18.82
C ARG A 56 -29.48 20.86 -19.14
N LYS A 57 -28.43 21.68 -19.29
CA LYS A 57 -27.10 21.13 -19.48
C LYS A 57 -26.72 20.25 -18.28
N ILE A 58 -26.13 19.09 -18.57
CA ILE A 58 -25.89 18.04 -17.59
C ILE A 58 -24.68 17.24 -18.05
N SER A 59 -23.81 16.88 -17.10
CA SER A 59 -22.70 15.99 -17.40
C SER A 59 -22.81 14.72 -16.57
N VAL A 60 -22.11 13.68 -17.04
CA VAL A 60 -22.05 12.40 -16.35
C VAL A 60 -20.67 11.80 -16.62
N MET A 61 -20.01 11.30 -15.58
CA MET A 61 -18.63 10.85 -15.67
C MET A 61 -18.34 9.87 -14.54
N GLY A 62 -17.70 8.75 -14.86
CA GLY A 62 -17.33 7.80 -13.82
C GLY A 62 -16.32 8.41 -12.85
N HIS A 63 -16.31 7.87 -11.62
CA HIS A 63 -15.30 8.31 -10.65
C HIS A 63 -14.39 7.19 -10.15
N GLY A 64 -14.54 5.96 -10.64
CA GLY A 64 -13.70 4.88 -10.19
C GLY A 64 -14.14 4.37 -8.82
N MET A 65 -13.50 3.30 -8.36
CA MET A 65 -13.90 2.68 -7.10
C MET A 65 -13.01 3.18 -5.95
N GLY A 66 -13.65 3.60 -4.87
CA GLY A 66 -12.90 3.93 -3.67
C GLY A 66 -12.80 5.43 -3.42
N ILE A 67 -12.68 5.77 -2.13
CA ILE A 67 -12.50 7.17 -1.72
C ILE A 67 -11.34 7.85 -2.43
N PRO A 68 -10.14 7.27 -2.54
CA PRO A 68 -9.04 7.99 -3.21
C PRO A 68 -9.29 8.23 -4.70
N SER A 69 -9.96 7.30 -5.39
CA SER A 69 -10.23 7.51 -6.80
C SER A 69 -11.21 8.66 -7.01
N CYS A 70 -12.39 8.59 -6.39
CA CYS A 70 -13.38 9.64 -6.57
C CYS A 70 -12.92 10.99 -5.98
N SER A 71 -11.98 10.98 -5.03
CA SER A 71 -11.46 12.24 -4.47
C SER A 71 -10.69 13.02 -5.52
N ILE A 72 -9.91 12.32 -6.34
CA ILE A 72 -9.21 12.95 -7.45
C ILE A 72 -10.19 13.62 -8.41
N TYR A 73 -11.16 12.84 -8.91
CA TYR A 73 -12.05 13.36 -9.96
C TYR A 73 -12.96 14.46 -9.45
N THR A 74 -13.54 14.29 -8.25
CA THR A 74 -14.41 15.35 -7.76
C THR A 74 -13.63 16.62 -7.47
N LYS A 75 -12.38 16.49 -7.03
CA LYS A 75 -11.57 17.69 -6.78
C LYS A 75 -11.34 18.47 -8.08
N GLU A 76 -10.88 17.78 -9.11
CA GLU A 76 -10.53 18.47 -10.35
C GLU A 76 -11.76 19.09 -11.00
N LEU A 77 -12.92 18.41 -10.91
CA LEU A 77 -14.15 18.99 -11.43
C LEU A 77 -14.50 20.28 -10.70
N ILE A 78 -14.27 20.31 -9.39
CA ILE A 78 -14.69 21.47 -8.61
C ILE A 78 -13.73 22.63 -8.81
N THR A 79 -12.42 22.36 -8.86
CA THR A 79 -11.47 23.47 -8.86
C THR A 79 -11.13 24.00 -10.25
N ASP A 80 -11.32 23.20 -11.32
CA ASP A 80 -10.94 23.66 -12.64
C ASP A 80 -12.04 23.59 -13.69
N PHE A 81 -13.25 23.13 -13.36
CA PHE A 81 -14.30 23.05 -14.37
C PHE A 81 -15.60 23.66 -13.88
N GLY A 82 -15.55 24.54 -12.87
CA GLY A 82 -16.73 25.23 -12.39
C GLY A 82 -17.86 24.34 -11.93
N VAL A 83 -17.58 23.12 -11.49
CA VAL A 83 -18.65 22.21 -11.11
C VAL A 83 -19.14 22.55 -9.71
N LYS A 84 -20.45 22.75 -9.58
CA LYS A 84 -21.05 23.19 -8.33
C LYS A 84 -21.69 22.04 -7.56
N LYS A 85 -22.23 21.02 -8.24
CA LYS A 85 -22.95 19.93 -7.60
C LYS A 85 -22.47 18.60 -8.17
N ILE A 86 -22.13 17.66 -7.27
CA ILE A 86 -21.86 16.27 -7.64
C ILE A 86 -23.00 15.42 -7.11
N ILE A 87 -23.57 14.59 -7.98
CA ILE A 87 -24.56 13.59 -7.55
C ILE A 87 -23.99 12.23 -7.89
N ARG A 88 -23.47 11.54 -6.87
CA ARG A 88 -23.01 10.18 -7.09
C ARG A 88 -24.20 9.25 -7.25
N VAL A 89 -24.17 8.39 -8.26
CA VAL A 89 -25.27 7.46 -8.54
C VAL A 89 -24.65 6.07 -8.61
N GLY A 90 -24.62 5.38 -7.47
CA GLY A 90 -23.83 4.18 -7.32
C GLY A 90 -24.64 2.96 -6.90
N SER A 91 -23.92 1.88 -6.58
CA SER A 91 -24.47 0.67 -6.01
C SER A 91 -24.02 0.56 -4.55
N CYS A 92 -24.73 -0.27 -3.78
CA CYS A 92 -24.33 -0.50 -2.40
C CYS A 92 -24.82 -1.87 -1.96
N GLY A 93 -24.14 -2.42 -0.94
CA GLY A 93 -24.59 -3.63 -0.27
C GLY A 93 -25.39 -3.32 0.99
N ALA A 94 -26.45 -4.09 1.22
CA ALA A 94 -27.33 -3.87 2.35
C ALA A 94 -26.99 -4.80 3.51
N VAL A 95 -27.19 -4.30 4.73
CA VAL A 95 -27.05 -5.12 5.92
C VAL A 95 -28.34 -5.25 6.71
N LEU A 96 -29.31 -4.35 6.52
CA LEU A 96 -30.55 -4.42 7.28
C LEU A 96 -31.49 -5.45 6.67
N PRO A 97 -32.20 -6.22 7.50
CA PRO A 97 -33.11 -7.23 6.95
C PRO A 97 -34.20 -6.64 6.04
N HIS A 98 -34.75 -5.48 6.40
CA HIS A 98 -35.88 -4.91 5.67
C HIS A 98 -35.47 -4.05 4.49
N VAL A 99 -34.29 -4.31 3.90
CA VAL A 99 -33.77 -3.57 2.76
C VAL A 99 -33.44 -4.57 1.66
N LYS A 100 -34.15 -4.49 0.54
CA LYS A 100 -34.05 -5.51 -0.49
C LYS A 100 -33.36 -4.97 -1.74
N LEU A 101 -33.01 -5.89 -2.63
CA LEU A 101 -32.30 -5.52 -3.84
C LEU A 101 -33.08 -4.48 -4.62
N ARG A 102 -32.35 -3.59 -5.29
CA ARG A 102 -32.83 -2.48 -6.11
C ARG A 102 -33.54 -1.40 -5.31
N ASP A 103 -33.56 -1.48 -3.98
CA ASP A 103 -34.01 -0.35 -3.19
C ASP A 103 -33.09 0.85 -3.38
N VAL A 104 -33.67 2.04 -3.32
CA VAL A 104 -32.96 3.29 -3.55
C VAL A 104 -32.69 3.94 -2.20
N VAL A 105 -31.42 4.26 -1.92
CA VAL A 105 -31.04 4.88 -0.66
C VAL A 105 -30.40 6.24 -0.92
N ILE A 106 -30.70 7.20 -0.06
CA ILE A 106 -30.19 8.55 -0.16
C ILE A 106 -29.35 8.82 1.08
N GLY A 107 -28.04 8.93 0.90
CA GLY A 107 -27.14 9.17 2.01
C GLY A 107 -27.08 10.62 2.45
N MET A 108 -27.95 10.98 3.38
CA MET A 108 -27.81 12.27 4.02
C MET A 108 -26.46 12.37 4.72
N GLY A 109 -25.96 11.26 5.27
CA GLY A 109 -24.63 11.20 5.83
C GLY A 109 -23.91 9.94 5.36
N ALA A 110 -22.60 9.92 5.62
CA ALA A 110 -21.78 8.78 5.23
C ALA A 110 -20.75 8.51 6.33
N CYS A 111 -20.92 7.39 7.01
CA CYS A 111 -19.90 6.81 7.87
C CYS A 111 -18.74 6.30 7.03
N THR A 112 -17.60 6.04 7.67
CA THR A 112 -16.47 5.51 6.92
C THR A 112 -15.43 4.90 7.86
N ASP A 113 -14.65 3.96 7.33
CA ASP A 113 -13.45 3.51 8.03
C ASP A 113 -12.19 4.01 7.32
N SER A 114 -12.34 4.96 6.41
CA SER A 114 -11.20 5.66 5.85
C SER A 114 -10.65 6.66 6.87
N LYS A 115 -9.38 7.02 6.69
CA LYS A 115 -8.75 8.05 7.51
C LYS A 115 -8.78 9.44 6.88
N VAL A 116 -9.35 9.60 5.68
CA VAL A 116 -9.17 10.86 4.94
C VAL A 116 -9.79 12.03 5.69
N ASN A 117 -10.95 11.83 6.31
CA ASN A 117 -11.57 12.95 7.02
C ASN A 117 -10.89 13.21 8.37
N ARG A 118 -10.36 12.19 9.02
CA ARG A 118 -9.54 12.44 10.20
C ARG A 118 -8.33 13.29 9.85
N ILE A 119 -7.75 13.07 8.67
CA ILE A 119 -6.60 13.86 8.25
C ILE A 119 -7.01 15.32 7.98
N ARG A 120 -8.23 15.56 7.48
CA ARG A 120 -8.68 16.94 7.29
C ARG A 120 -9.06 17.62 8.58
N PHE A 121 -9.51 16.87 9.59
CA PHE A 121 -10.25 17.41 10.71
C PHE A 121 -9.51 17.17 12.03
N LYS A 122 -8.17 17.20 11.97
CA LYS A 122 -7.29 17.07 13.14
C LYS A 122 -7.61 15.85 13.99
N ASP A 123 -7.91 14.73 13.34
CA ASP A 123 -8.16 13.46 14.01
C ASP A 123 -9.44 13.47 14.85
N HIS A 124 -10.35 14.42 14.64
CA HIS A 124 -11.64 14.39 15.29
C HIS A 124 -12.68 13.76 14.36
N ASP A 125 -13.94 13.73 14.79
CA ASP A 125 -15.02 13.14 13.98
C ASP A 125 -15.61 14.22 13.09
N PHE A 126 -15.42 14.10 11.78
CA PHE A 126 -16.12 14.99 10.85
C PHE A 126 -17.37 14.26 10.38
N ALA A 127 -18.54 14.84 10.64
CA ALA A 127 -19.79 14.27 10.17
C ALA A 127 -19.90 14.49 8.67
N ALA A 128 -19.55 13.50 7.86
CA ALA A 128 -19.60 13.65 6.40
C ALA A 128 -21.05 13.65 5.95
N ILE A 129 -21.55 14.82 5.52
CA ILE A 129 -22.97 15.00 5.19
C ILE A 129 -23.15 15.55 3.79
N ALA A 130 -24.30 15.24 3.20
CA ALA A 130 -24.71 15.81 1.93
C ALA A 130 -25.24 17.25 2.11
N ASP A 131 -25.39 17.94 0.99
CA ASP A 131 -26.10 19.20 0.99
C ASP A 131 -27.58 18.96 1.29
N PHE A 132 -28.13 19.68 2.26
CA PHE A 132 -29.52 19.42 2.65
C PHE A 132 -30.50 19.65 1.49
N ASP A 133 -30.33 20.74 0.74
CA ASP A 133 -31.27 21.03 -0.33
C ASP A 133 -31.24 19.94 -1.40
N MET A 134 -30.04 19.41 -1.68
CA MET A 134 -29.93 18.33 -2.65
C MET A 134 -30.65 17.08 -2.15
N VAL A 135 -30.57 16.80 -0.84
CA VAL A 135 -31.25 15.62 -0.31
C VAL A 135 -32.76 15.77 -0.49
N ARG A 136 -33.28 16.93 -0.13
CA ARG A 136 -34.71 17.18 -0.24
C ARG A 136 -35.17 17.14 -1.69
N ASN A 137 -34.38 17.73 -2.60
CA ASN A 137 -34.69 17.64 -4.03
C ASN A 137 -34.85 16.18 -4.44
N ALA A 138 -33.89 15.34 -4.04
CA ALA A 138 -33.94 13.92 -4.42
C ALA A 138 -35.15 13.22 -3.79
N VAL A 139 -35.51 13.58 -2.56
CA VAL A 139 -36.69 12.98 -1.94
C VAL A 139 -37.95 13.36 -2.69
N ASP A 140 -38.11 14.65 -3.00
CA ASP A 140 -39.28 15.15 -3.72
C ASP A 140 -39.37 14.55 -5.12
N ALA A 141 -38.25 14.50 -5.84
CA ALA A 141 -38.27 13.90 -7.18
C ALA A 141 -38.67 12.44 -7.11
N ALA A 142 -38.24 11.73 -6.06
CA ALA A 142 -38.62 10.33 -5.88
C ALA A 142 -40.11 10.19 -5.61
N LYS A 143 -40.67 11.10 -4.81
CA LYS A 143 -42.11 11.04 -4.55
C LYS A 143 -42.89 11.31 -5.83
N ALA A 144 -42.48 12.32 -6.60
CA ALA A 144 -43.16 12.62 -7.87
C ALA A 144 -43.08 11.46 -8.85
N LEU A 145 -42.00 10.67 -8.81
CA LEU A 145 -41.83 9.54 -9.70
C LEU A 145 -42.48 8.25 -9.18
N GLY A 146 -43.08 8.29 -7.99
CA GLY A 146 -43.63 7.08 -7.42
C GLY A 146 -42.59 6.05 -7.01
N ILE A 147 -41.36 6.48 -6.71
CA ILE A 147 -40.29 5.58 -6.33
C ILE A 147 -40.00 5.78 -4.83
N ASP A 148 -40.03 4.70 -4.07
CA ASP A 148 -39.65 4.76 -2.67
C ASP A 148 -38.14 5.00 -2.53
N ALA A 149 -37.76 5.61 -1.42
CA ALA A 149 -36.35 5.94 -1.17
C ALA A 149 -36.17 6.16 0.32
N ARG A 150 -35.19 5.50 0.92
CA ARG A 150 -34.85 5.74 2.31
C ARG A 150 -33.75 6.78 2.43
N VAL A 151 -33.85 7.61 3.46
CA VAL A 151 -32.88 8.68 3.73
C VAL A 151 -32.18 8.35 5.05
N GLY A 152 -30.85 8.28 5.02
CA GLY A 152 -30.11 7.93 6.21
C GLY A 152 -28.61 7.89 6.00
N ASN A 153 -27.91 7.07 6.79
CA ASN A 153 -26.46 6.99 6.74
C ASN A 153 -26.07 5.87 5.77
N LEU A 154 -25.12 6.16 4.90
CA LEU A 154 -24.36 5.13 4.21
C LEU A 154 -23.10 4.82 5.02
N PHE A 155 -22.42 3.73 4.66
CA PHE A 155 -21.07 3.45 5.15
C PHE A 155 -20.12 3.33 3.97
N SER A 156 -19.10 4.19 3.92
CA SER A 156 -18.10 4.19 2.85
C SER A 156 -16.91 3.33 3.30
N ALA A 157 -16.75 2.16 2.69
CA ALA A 157 -15.72 1.21 3.09
C ALA A 157 -14.47 1.39 2.23
N ASP A 158 -13.29 1.21 2.84
CA ASP A 158 -12.07 1.12 2.06
C ASP A 158 -11.87 -0.29 1.50
N LEU A 159 -12.34 -1.32 2.22
CA LEU A 159 -12.11 -2.72 1.86
C LEU A 159 -13.45 -3.33 1.46
N PHE A 160 -13.69 -3.42 0.14
CA PHE A 160 -14.79 -4.22 -0.36
C PHE A 160 -14.78 -5.60 0.27
N TYR A 161 -13.59 -6.22 0.33
CA TYR A 161 -13.41 -7.53 0.95
C TYR A 161 -12.86 -7.26 2.34
N SER A 162 -13.76 -7.03 3.27
CA SER A 162 -13.34 -6.64 4.59
C SER A 162 -12.94 -7.87 5.42
N PRO A 163 -11.85 -7.78 6.18
CA PRO A 163 -11.49 -8.89 7.09
C PRO A 163 -12.21 -8.83 8.42
N ASP A 164 -13.11 -7.87 8.61
CA ASP A 164 -13.83 -7.66 9.85
C ASP A 164 -15.32 -7.81 9.56
N GLY A 165 -15.78 -9.06 9.43
CA GLY A 165 -17.19 -9.30 9.19
C GLY A 165 -18.07 -8.82 10.33
N GLU A 166 -17.52 -8.79 11.55
CA GLU A 166 -18.29 -8.34 12.70
C GLU A 166 -18.68 -6.86 12.60
N MET A 167 -17.93 -6.06 11.83
CA MET A 167 -18.30 -4.66 11.66
C MET A 167 -19.64 -4.51 10.93
N PHE A 168 -20.07 -5.51 10.17
CA PHE A 168 -21.39 -5.43 9.56
C PHE A 168 -22.48 -5.44 10.61
N ASP A 169 -22.30 -6.20 11.70
CA ASP A 169 -23.25 -6.18 12.82
C ASP A 169 -23.35 -4.80 13.42
N VAL A 170 -22.22 -4.10 13.54
CA VAL A 170 -22.21 -2.75 14.10
C VAL A 170 -22.88 -1.79 13.13
N MET A 171 -22.63 -1.94 11.83
CA MET A 171 -23.35 -1.14 10.84
C MET A 171 -24.84 -1.35 10.96
N GLU A 172 -25.25 -2.62 11.00
CA GLU A 172 -26.67 -2.95 11.17
C GLU A 172 -27.23 -2.30 12.43
N LYS A 173 -26.55 -2.47 13.57
CA LYS A 173 -27.06 -1.92 14.81
C LYS A 173 -27.33 -0.43 14.70
N TYR A 174 -26.47 0.29 13.97
CA TYR A 174 -26.58 1.74 13.87
C TYR A 174 -27.35 2.19 12.65
N GLY A 175 -28.01 1.26 11.96
CA GLY A 175 -28.99 1.63 10.95
C GLY A 175 -28.42 1.98 9.61
N ILE A 176 -27.24 1.47 9.27
CA ILE A 176 -26.60 1.84 8.01
C ILE A 176 -27.39 1.23 6.86
N LEU A 177 -27.81 2.09 5.93
CA LEU A 177 -28.69 1.67 4.85
C LEU A 177 -27.94 1.00 3.70
N GLY A 178 -26.67 1.33 3.51
CA GLY A 178 -25.92 0.75 2.40
C GLY A 178 -24.42 0.87 2.57
N VAL A 179 -23.67 -0.17 2.20
CA VAL A 179 -22.22 -0.13 2.24
C VAL A 179 -21.75 0.15 0.82
N GLU A 180 -21.09 1.28 0.61
CA GLU A 180 -20.50 1.58 -0.70
C GLU A 180 -19.07 2.01 -0.40
N MET A 181 -18.46 2.77 -1.33
CA MET A 181 -17.03 3.02 -1.16
C MET A 181 -16.59 4.47 -1.43
N GLU A 182 -17.51 5.44 -1.40
CA GLU A 182 -17.16 6.75 -1.94
C GLU A 182 -17.75 7.94 -1.19
N ALA A 183 -19.00 7.80 -0.74
CA ALA A 183 -19.77 8.95 -0.27
C ALA A 183 -19.00 9.80 0.73
N ALA A 184 -18.43 9.17 1.77
CA ALA A 184 -17.77 9.95 2.82
C ALA A 184 -16.58 10.74 2.27
N GLY A 185 -15.90 10.22 1.24
CA GLY A 185 -14.83 10.98 0.62
C GLY A 185 -15.32 12.11 -0.26
N ILE A 186 -16.46 11.91 -0.93
CA ILE A 186 -17.03 12.96 -1.78
C ILE A 186 -17.54 14.10 -0.91
N TYR A 187 -18.24 13.76 0.17
CA TYR A 187 -18.70 14.78 1.11
C TYR A 187 -17.52 15.54 1.72
N GLY A 188 -16.38 14.85 1.95
CA GLY A 188 -15.19 15.53 2.45
C GLY A 188 -14.59 16.49 1.44
N VAL A 189 -14.51 16.06 0.17
CA VAL A 189 -14.04 16.94 -0.89
C VAL A 189 -14.95 18.15 -1.03
N ALA A 190 -16.26 17.92 -1.08
CA ALA A 190 -17.19 19.04 -1.25
C ALA A 190 -16.98 20.08 -0.17
N ALA A 191 -16.74 19.65 1.07
CA ALA A 191 -16.53 20.60 2.16
C ALA A 191 -15.17 21.27 2.03
N GLU A 192 -14.13 20.48 1.76
CA GLU A 192 -12.79 21.04 1.62
C GLU A 192 -12.72 22.07 0.52
N PHE A 193 -13.32 21.76 -0.65
CA PHE A 193 -13.10 22.58 -1.83
C PHE A 193 -14.29 23.47 -2.18
N GLY A 194 -15.36 23.42 -1.40
CA GLY A 194 -16.37 24.44 -1.45
C GLY A 194 -17.47 24.23 -2.47
N ALA A 195 -17.99 23.01 -2.56
CA ALA A 195 -19.15 22.74 -3.41
C ALA A 195 -20.17 21.89 -2.66
N LYS A 196 -21.16 21.34 -3.37
CA LYS A 196 -22.23 20.57 -2.76
C LYS A 196 -22.28 19.18 -3.38
N ALA A 197 -22.71 18.19 -2.59
CA ALA A 197 -22.70 16.84 -3.10
C ALA A 197 -23.81 16.02 -2.46
N LEU A 198 -24.13 14.90 -3.12
CA LEU A 198 -25.13 13.96 -2.66
C LEU A 198 -24.81 12.59 -3.27
N THR A 199 -24.97 11.55 -2.47
CA THR A 199 -24.82 10.20 -2.96
C THR A 199 -26.18 9.52 -2.95
N ILE A 200 -26.58 8.99 -4.10
CA ILE A 200 -27.72 8.09 -4.20
C ILE A 200 -27.17 6.73 -4.60
N CYS A 201 -27.68 5.67 -4.00
CA CYS A 201 -27.22 4.33 -4.37
C CYS A 201 -28.40 3.39 -4.58
N THR A 202 -28.17 2.43 -5.47
CA THR A 202 -29.07 1.30 -5.66
C THR A 202 -28.47 0.08 -4.95
N VAL A 203 -29.28 -0.58 -4.12
CA VAL A 203 -28.85 -1.80 -3.45
C VAL A 203 -28.64 -2.87 -4.51
N SER A 204 -27.39 -3.32 -4.68
CA SER A 204 -27.04 -4.29 -5.71
C SER A 204 -26.74 -5.66 -5.16
N ASN A 205 -26.63 -5.81 -3.84
CA ASN A 205 -26.38 -7.09 -3.21
C ASN A 205 -26.73 -6.96 -1.74
N HIS A 206 -27.03 -8.09 -1.12
CA HIS A 206 -27.26 -8.15 0.32
C HIS A 206 -26.08 -8.87 0.97
N ILE A 207 -25.45 -8.22 1.93
CA ILE A 207 -24.25 -8.77 2.54
C ILE A 207 -24.60 -10.02 3.36
N ARG A 208 -25.82 -10.08 3.91
CA ARG A 208 -26.26 -11.25 4.67
C ARG A 208 -26.81 -12.35 3.75
N THR A 209 -27.81 -12.03 2.91
CA THR A 209 -28.45 -13.09 2.13
C THR A 209 -27.60 -13.58 0.98
N HIS A 210 -26.58 -12.80 0.57
CA HIS A 210 -25.68 -13.11 -0.53
C HIS A 210 -26.38 -13.16 -1.89
N GLU A 211 -27.54 -12.53 -2.01
CA GLU A 211 -28.13 -12.32 -3.32
C GLU A 211 -27.49 -11.10 -3.97
N GLN A 212 -27.21 -11.19 -5.28
CA GLN A 212 -26.48 -10.13 -5.96
C GLN A 212 -26.98 -9.97 -7.38
N THR A 213 -26.82 -8.76 -7.91
CA THR A 213 -27.08 -8.48 -9.31
C THR A 213 -25.80 -8.65 -10.12
N THR A 214 -25.99 -8.90 -11.42
CA THR A 214 -24.87 -9.16 -12.32
C THR A 214 -24.06 -7.88 -12.54
N ALA A 215 -22.88 -8.04 -13.15
CA ALA A 215 -22.09 -6.87 -13.52
C ALA A 215 -22.71 -6.13 -14.70
N ALA A 216 -23.37 -6.86 -15.61
CA ALA A 216 -24.07 -6.22 -16.71
C ALA A 216 -25.30 -5.49 -16.21
N GLU A 217 -26.00 -6.04 -15.22
CA GLU A 217 -27.16 -5.36 -14.66
C GLU A 217 -26.74 -4.10 -13.90
N ARG A 218 -25.57 -4.12 -13.28
CA ARG A 218 -25.12 -2.95 -12.52
C ARG A 218 -24.86 -1.76 -13.42
N GLN A 219 -24.41 -1.99 -14.66
CA GLN A 219 -24.13 -0.88 -15.56
C GLN A 219 -25.30 -0.46 -16.44
N THR A 220 -26.43 -1.23 -16.47
CA THR A 220 -27.51 -0.85 -17.38
C THR A 220 -28.94 -1.11 -16.89
N THR A 221 -29.21 -1.32 -15.59
CA THR A 221 -30.59 -1.51 -15.15
C THR A 221 -31.01 -0.61 -13.98
N PHE A 222 -30.15 0.33 -13.56
CA PHE A 222 -30.40 1.18 -12.40
C PHE A 222 -31.06 2.49 -12.82
N ASN A 223 -32.21 2.37 -13.48
CA ASN A 223 -32.79 3.52 -14.17
C ASN A 223 -33.57 4.43 -13.23
N ASP A 224 -34.23 3.87 -12.22
CA ASP A 224 -34.96 4.70 -11.28
C ASP A 224 -34.05 5.71 -10.60
N MET A 225 -32.88 5.25 -10.16
CA MET A 225 -31.92 6.13 -9.51
C MET A 225 -31.54 7.30 -10.40
N ILE A 226 -31.28 7.02 -11.69
CA ILE A 226 -30.87 8.06 -12.62
C ILE A 226 -31.96 9.11 -12.78
N LYS A 227 -33.21 8.65 -12.90
CA LYS A 227 -34.34 9.55 -13.04
C LYS A 227 -34.47 10.46 -11.81
N ILE A 228 -34.37 9.88 -10.62
CA ILE A 228 -34.38 10.68 -9.39
C ILE A 228 -33.28 11.73 -9.44
N ALA A 229 -32.07 11.32 -9.78
CA ALA A 229 -30.94 12.25 -9.81
C ALA A 229 -31.20 13.40 -10.78
N LEU A 230 -31.58 13.07 -12.03
CA LEU A 230 -31.78 14.11 -13.03
C LEU A 230 -32.93 15.03 -12.66
N GLU A 231 -34.06 14.46 -12.19
CA GLU A 231 -35.19 15.31 -11.83
C GLU A 231 -34.88 16.17 -10.62
N SER A 232 -34.04 15.67 -9.70
CA SER A 232 -33.72 16.47 -8.52
C SER A 232 -32.93 17.72 -8.90
N VAL A 233 -32.09 17.64 -9.94
CA VAL A 233 -31.42 18.83 -10.44
C VAL A 233 -32.44 19.87 -10.88
N LEU A 234 -33.49 19.43 -11.57
CA LEU A 234 -34.51 20.36 -12.08
C LEU A 234 -35.19 21.10 -10.93
N LEU A 235 -35.57 20.38 -9.87
CA LEU A 235 -36.12 21.02 -8.69
C LEU A 235 -35.13 22.00 -8.07
N GLY A 236 -33.84 21.63 -8.05
CA GLY A 236 -32.84 22.52 -7.48
C GLY A 236 -32.68 23.79 -8.27
N ASP A 237 -32.87 23.74 -9.59
CA ASP A 237 -32.75 24.94 -10.40
C ASP A 237 -33.86 25.95 -10.11
N LYS A 238 -35.01 25.50 -9.62
CA LYS A 238 -36.03 26.40 -9.10
C LYS A 238 -35.65 26.86 -7.69
N ALA B 2 -16.31 -16.22 -12.73
CA ALA B 2 -16.42 -14.77 -12.76
C ALA B 2 -16.59 -14.20 -11.36
N THR B 3 -15.91 -13.10 -11.08
CA THR B 3 -16.02 -12.36 -9.84
C THR B 3 -16.76 -11.05 -10.10
N PRO B 4 -17.17 -10.31 -9.06
CA PRO B 4 -18.02 -9.14 -9.30
C PRO B 4 -17.39 -8.03 -10.13
N HIS B 5 -16.06 -7.98 -10.24
CA HIS B 5 -15.38 -6.94 -11.01
C HIS B 5 -14.55 -7.47 -12.17
N ILE B 6 -14.48 -8.79 -12.34
CA ILE B 6 -13.71 -9.41 -13.42
C ILE B 6 -14.59 -10.45 -14.09
N ASN B 7 -14.97 -10.20 -15.35
CA ASN B 7 -15.78 -11.15 -16.12
C ASN B 7 -14.85 -12.10 -16.87
N ALA B 8 -14.34 -13.10 -16.15
CA ALA B 8 -13.37 -14.03 -16.70
C ALA B 8 -13.49 -15.35 -15.95
N GLU B 9 -12.71 -16.34 -16.39
CA GLU B 9 -12.75 -17.66 -15.77
C GLU B 9 -11.33 -18.13 -15.47
N MET B 10 -11.22 -18.99 -14.48
CA MET B 10 -9.95 -19.64 -14.15
C MET B 10 -9.27 -20.12 -15.43
N GLY B 11 -7.96 -19.87 -15.52
CA GLY B 11 -7.19 -20.11 -16.71
C GLY B 11 -6.98 -18.87 -17.55
N ASP B 12 -7.94 -17.93 -17.57
CA ASP B 12 -7.85 -16.78 -18.46
C ASP B 12 -6.66 -15.89 -18.13
N PHE B 13 -6.22 -15.86 -16.87
CA PHE B 13 -5.05 -15.09 -16.46
C PHE B 13 -3.85 -16.00 -16.26
N ALA B 14 -2.66 -15.44 -16.48
CA ALA B 14 -1.45 -16.11 -16.10
C ALA B 14 -1.28 -16.05 -14.58
N ASP B 15 -0.35 -16.83 -14.06
CA ASP B 15 -0.15 -16.81 -12.62
C ASP B 15 0.66 -15.60 -12.17
N VAL B 16 1.04 -14.73 -13.10
CA VAL B 16 1.65 -13.43 -12.81
C VAL B 16 0.89 -12.37 -13.58
N VAL B 17 0.50 -11.30 -12.90
CA VAL B 17 -0.19 -10.18 -13.53
C VAL B 17 0.60 -8.91 -13.29
N LEU B 18 0.95 -8.19 -14.37
CA LEU B 18 1.46 -6.83 -14.29
C LEU B 18 0.26 -5.88 -14.24
N MET B 19 0.31 -4.89 -13.34
CA MET B 19 -0.83 -4.00 -13.17
C MET B 19 -0.41 -2.53 -13.15
N PRO B 20 -0.70 -1.77 -14.19
CA PRO B 20 -0.64 -0.30 -14.10
C PRO B 20 -1.96 0.23 -13.54
N GLY B 21 -1.93 1.50 -13.13
CA GLY B 21 -3.17 2.16 -12.75
C GLY B 21 -4.13 2.32 -13.92
N ASP B 22 -3.60 2.64 -15.09
CA ASP B 22 -4.41 3.07 -16.21
C ASP B 22 -4.83 1.87 -17.05
N PRO B 23 -6.13 1.59 -17.22
CA PRO B 23 -6.53 0.47 -18.10
C PRO B 23 -6.05 0.63 -19.52
N LEU B 24 -5.89 1.87 -20.00
CA LEU B 24 -5.35 2.07 -21.34
C LEU B 24 -3.87 1.74 -21.37
N ARG B 25 -3.20 1.88 -20.23
CA ARG B 25 -1.79 1.52 -20.17
C ARG B 25 -1.61 0.00 -20.18
N ALA B 26 -2.58 -0.74 -19.66
CA ALA B 26 -2.53 -2.20 -19.78
C ALA B 26 -2.65 -2.62 -21.24
N LYS B 27 -3.53 -1.95 -21.99
CA LYS B 27 -3.66 -2.21 -23.42
C LYS B 27 -2.36 -1.91 -24.15
N TYR B 28 -1.77 -0.76 -23.85
CA TYR B 28 -0.47 -0.40 -24.40
C TYR B 28 0.57 -1.49 -24.16
N ILE B 29 0.59 -2.06 -22.95
CA ILE B 29 1.62 -3.03 -22.59
C ILE B 29 1.39 -4.36 -23.33
N ALA B 30 0.15 -4.81 -23.39
CA ALA B 30 -0.14 -6.05 -24.11
C ALA B 30 0.24 -5.91 -25.57
N GLU B 31 -0.15 -4.79 -26.19
CA GLU B 31 0.13 -4.57 -27.60
C GLU B 31 1.63 -4.39 -27.85
N THR B 32 2.35 -3.75 -26.93
CA THR B 32 3.77 -3.51 -27.17
C THR B 32 4.62 -4.74 -26.89
N PHE B 33 4.26 -5.53 -25.86
CA PHE B 33 5.20 -6.52 -25.34
C PHE B 33 4.71 -7.96 -25.36
N LEU B 34 3.42 -8.20 -25.55
CA LEU B 34 2.91 -9.57 -25.48
C LEU B 34 2.52 -10.07 -26.86
N GLU B 35 2.85 -11.33 -27.13
CA GLU B 35 2.44 -11.99 -28.37
C GLU B 35 1.15 -12.76 -28.14
N ASP B 36 0.25 -12.68 -29.12
CA ASP B 36 -1.03 -13.40 -29.09
C ASP B 36 -1.91 -12.92 -27.96
N ALA B 37 -1.86 -11.62 -27.68
CA ALA B 37 -2.63 -11.07 -26.57
C ALA B 37 -4.11 -11.17 -26.87
N ARG B 38 -4.88 -11.66 -25.90
CA ARG B 38 -6.34 -11.62 -25.94
C ARG B 38 -6.84 -10.82 -24.75
N GLU B 39 -7.88 -10.01 -25.00
CA GLU B 39 -8.53 -9.30 -23.92
C GLU B 39 -9.38 -10.27 -23.10
N VAL B 40 -9.19 -10.29 -21.79
CA VAL B 40 -9.90 -11.21 -20.90
C VAL B 40 -10.77 -10.49 -19.87
N ASN B 41 -10.80 -9.16 -19.86
CA ASN B 41 -11.73 -8.48 -18.99
C ASN B 41 -11.98 -7.06 -19.48
N ASN B 42 -13.24 -6.62 -19.35
CA ASN B 42 -13.61 -5.26 -19.67
C ASN B 42 -14.64 -4.67 -18.71
N VAL B 43 -15.01 -5.38 -17.64
CA VAL B 43 -15.93 -4.84 -16.64
C VAL B 43 -15.42 -3.49 -16.15
N ARG B 44 -16.31 -2.48 -16.14
CA ARG B 44 -15.97 -1.14 -15.67
C ARG B 44 -14.82 -0.52 -16.44
N GLY B 45 -14.58 -1.02 -17.66
CA GLY B 45 -13.48 -0.53 -18.45
C GLY B 45 -12.11 -0.92 -17.96
N MET B 46 -12.01 -1.83 -16.98
CA MET B 46 -10.71 -2.17 -16.41
C MET B 46 -10.07 -3.28 -17.24
N LEU B 47 -9.52 -2.87 -18.38
CA LEU B 47 -9.04 -3.81 -19.40
C LEU B 47 -7.92 -4.70 -18.90
N GLY B 48 -8.03 -5.99 -19.16
CA GLY B 48 -6.97 -6.94 -18.82
C GLY B 48 -6.72 -7.87 -19.98
N PHE B 49 -5.48 -8.34 -20.09
CA PHE B 49 -5.02 -9.08 -21.25
C PHE B 49 -4.10 -10.22 -20.84
N THR B 50 -4.06 -11.26 -21.67
CA THR B 50 -3.17 -12.39 -21.49
C THR B 50 -2.50 -12.71 -22.81
N GLY B 51 -1.18 -12.85 -22.78
CA GLY B 51 -0.41 -13.20 -23.95
C GLY B 51 0.85 -13.90 -23.48
N THR B 52 1.89 -13.85 -24.29
CA THR B 52 3.16 -14.46 -23.94
C THR B 52 4.30 -13.48 -24.16
N TYR B 53 5.30 -13.59 -23.30
CA TYR B 53 6.55 -12.85 -23.40
C TYR B 53 7.67 -13.87 -23.43
N LYS B 54 8.38 -13.93 -24.56
CA LYS B 54 9.42 -14.94 -24.78
C LYS B 54 8.92 -16.34 -24.42
N GLY B 55 7.69 -16.64 -24.83
CA GLY B 55 7.07 -17.93 -24.61
C GLY B 55 6.42 -18.12 -23.26
N ARG B 56 6.59 -17.17 -22.34
CA ARG B 56 6.04 -17.27 -20.99
C ARG B 56 4.68 -16.59 -20.95
N LYS B 57 3.68 -17.31 -20.45
CA LYS B 57 2.34 -16.75 -20.32
C LYS B 57 2.34 -15.62 -19.28
N ILE B 58 1.78 -14.47 -19.64
CA ILE B 58 1.77 -13.28 -18.79
C ILE B 58 0.46 -12.54 -19.00
N SER B 59 -0.11 -12.02 -17.93
CA SER B 59 -1.28 -11.16 -18.02
C SER B 59 -0.92 -9.73 -17.59
N VAL B 60 -1.72 -8.77 -18.06
CA VAL B 60 -1.57 -7.38 -17.63
C VAL B 60 -2.96 -6.78 -17.57
N MET B 61 -3.21 -5.96 -16.53
CA MET B 61 -4.55 -5.45 -16.23
C MET B 61 -4.45 -4.19 -15.37
N GLY B 62 -5.27 -3.19 -15.69
CA GLY B 62 -5.36 -2.01 -14.83
C GLY B 62 -5.88 -2.36 -13.44
N HIS B 63 -5.53 -1.48 -12.48
CA HIS B 63 -6.03 -1.64 -11.13
C HIS B 63 -6.71 -0.38 -10.60
N GLY B 64 -6.82 0.66 -11.42
CA GLY B 64 -7.46 1.90 -10.99
C GLY B 64 -6.57 2.66 -10.02
N MET B 65 -7.07 3.79 -9.55
CA MET B 65 -6.30 4.64 -8.65
C MET B 65 -6.72 4.41 -7.20
N GLY B 66 -5.73 4.12 -6.36
CA GLY B 66 -5.93 4.13 -4.93
C GLY B 66 -5.96 2.72 -4.35
N ILE B 67 -5.65 2.65 -3.05
CA ILE B 67 -5.64 1.38 -2.33
C ILE B 67 -6.96 0.64 -2.42
N PRO B 68 -8.12 1.27 -2.21
CA PRO B 68 -9.40 0.50 -2.29
C PRO B 68 -9.66 -0.13 -3.64
N SER B 69 -9.30 0.57 -4.72
CA SER B 69 -9.52 0.04 -6.06
C SER B 69 -8.59 -1.14 -6.33
N CYS B 70 -7.28 -0.97 -6.14
CA CYS B 70 -6.37 -2.07 -6.43
C CYS B 70 -6.55 -3.23 -5.45
N SER B 71 -7.13 -2.99 -4.27
CA SER B 71 -7.35 -4.09 -3.33
C SER B 71 -8.40 -5.05 -3.84
N ILE B 72 -9.48 -4.51 -4.41
CA ILE B 72 -10.49 -5.35 -5.05
C ILE B 72 -9.85 -6.26 -6.09
N TYR B 73 -9.10 -5.67 -7.03
CA TYR B 73 -8.66 -6.45 -8.20
C TYR B 73 -7.61 -7.47 -7.82
N THR B 74 -6.65 -7.10 -6.96
CA THR B 74 -5.62 -8.06 -6.58
C THR B 74 -6.20 -9.18 -5.73
N LYS B 75 -7.15 -8.86 -4.85
CA LYS B 75 -7.84 -9.90 -4.08
C LYS B 75 -8.50 -10.91 -5.01
N GLU B 76 -9.36 -10.44 -5.92
CA GLU B 76 -10.09 -11.36 -6.76
C GLU B 76 -9.15 -12.18 -7.64
N LEU B 77 -8.06 -11.57 -8.11
CA LEU B 77 -7.11 -12.33 -8.92
C LEU B 77 -6.47 -13.45 -8.10
N ILE B 78 -6.15 -13.18 -6.84
CA ILE B 78 -5.47 -14.18 -6.03
C ILE B 78 -6.42 -15.31 -5.65
N THR B 79 -7.62 -14.97 -5.17
CA THR B 79 -8.48 -16.01 -4.60
C THR B 79 -9.32 -16.74 -5.65
N ASP B 80 -9.51 -16.16 -6.84
CA ASP B 80 -10.41 -16.75 -7.83
C ASP B 80 -9.78 -17.01 -9.18
N PHE B 81 -8.57 -16.54 -9.44
CA PHE B 81 -7.95 -16.78 -10.74
C PHE B 81 -6.55 -17.40 -10.61
N GLY B 82 -6.20 -17.94 -9.45
CA GLY B 82 -4.94 -18.65 -9.28
C GLY B 82 -3.69 -17.82 -9.35
N VAL B 83 -3.79 -16.48 -9.32
CA VAL B 83 -2.61 -15.64 -9.49
C VAL B 83 -1.71 -15.72 -8.27
N LYS B 84 -0.40 -15.87 -8.50
CA LYS B 84 0.58 -15.96 -7.44
C LYS B 84 1.42 -14.71 -7.27
N LYS B 85 1.60 -13.92 -8.34
CA LYS B 85 2.46 -12.76 -8.31
C LYS B 85 1.75 -11.58 -8.94
N ILE B 86 1.75 -10.45 -8.24
CA ILE B 86 1.30 -9.17 -8.78
C ILE B 86 2.52 -8.26 -8.89
N ILE B 87 2.70 -7.66 -10.06
CA ILE B 87 3.71 -6.63 -10.21
C ILE B 87 3.00 -5.35 -10.60
N ARG B 88 2.84 -4.43 -9.65
CA ARG B 88 2.38 -3.10 -9.98
C ARG B 88 3.47 -2.38 -10.77
N VAL B 89 3.10 -1.75 -11.87
CA VAL B 89 4.05 -0.99 -12.69
C VAL B 89 3.45 0.39 -12.84
N GLY B 90 3.99 1.37 -12.12
CA GLY B 90 3.30 2.64 -12.03
C GLY B 90 4.19 3.86 -12.07
N SER B 91 3.61 5.02 -11.79
CA SER B 91 4.34 6.27 -11.69
C SER B 91 4.33 6.74 -10.24
N CYS B 92 5.34 7.52 -9.86
CA CYS B 92 5.40 8.07 -8.52
C CYS B 92 6.02 9.46 -8.58
N GLY B 93 5.73 10.25 -7.55
CA GLY B 93 6.35 11.57 -7.38
C GLY B 93 7.47 11.49 -6.36
N ALA B 94 8.54 12.22 -6.61
CA ALA B 94 9.71 12.14 -5.75
C ALA B 94 9.72 13.30 -4.75
N VAL B 95 10.28 13.04 -3.57
CA VAL B 95 10.50 14.08 -2.58
C VAL B 95 11.98 14.29 -2.28
N LEU B 96 12.84 13.29 -2.50
CA LEU B 96 14.27 13.41 -2.23
C LEU B 96 14.95 14.17 -3.36
N PRO B 97 15.91 15.05 -3.04
CA PRO B 97 16.57 15.81 -4.12
C PRO B 97 17.47 14.96 -5.00
N HIS B 98 17.98 13.83 -4.51
CA HIS B 98 18.84 12.97 -5.32
C HIS B 98 18.05 11.91 -6.09
N VAL B 99 16.72 11.94 -6.04
CA VAL B 99 15.90 11.07 -6.87
C VAL B 99 15.46 11.87 -8.08
N LYS B 100 15.89 11.46 -9.27
CA LYS B 100 15.70 12.27 -10.47
C LYS B 100 14.53 11.74 -11.28
N LEU B 101 13.98 12.64 -12.10
CA LEU B 101 13.04 12.26 -13.14
C LEU B 101 13.56 11.05 -13.91
N ARG B 102 12.66 10.10 -14.17
CA ARG B 102 12.95 8.87 -14.91
C ARG B 102 13.81 7.87 -14.14
N ASP B 103 14.08 8.09 -12.85
CA ASP B 103 14.66 7.01 -12.04
C ASP B 103 13.64 5.88 -11.89
N VAL B 104 14.15 4.65 -11.84
CA VAL B 104 13.34 3.47 -11.60
C VAL B 104 13.41 3.15 -10.11
N VAL B 105 12.26 3.10 -9.47
CA VAL B 105 12.16 2.91 -8.02
C VAL B 105 11.44 1.60 -7.76
N ILE B 106 12.02 0.78 -6.87
CA ILE B 106 11.45 -0.51 -6.49
C ILE B 106 11.05 -0.44 -5.02
N GLY B 107 9.77 -0.66 -4.74
CA GLY B 107 9.25 -0.54 -3.38
C GLY B 107 9.43 -1.80 -2.57
N MET B 108 10.55 -1.90 -1.86
CA MET B 108 10.70 -3.02 -0.93
C MET B 108 9.70 -2.89 0.21
N GLY B 109 9.34 -1.65 0.57
CA GLY B 109 8.29 -1.42 1.53
C GLY B 109 7.38 -0.30 1.05
N ALA B 110 6.23 -0.16 1.71
CA ALA B 110 5.33 0.92 1.36
C ALA B 110 4.70 1.47 2.63
N CYS B 111 5.06 2.71 2.96
CA CYS B 111 4.36 3.48 3.96
C CYS B 111 2.98 3.85 3.44
N THR B 112 2.11 4.29 4.34
CA THR B 112 0.78 4.72 3.92
C THR B 112 0.13 5.56 5.01
N ASP B 113 -0.82 6.42 4.59
CA ASP B 113 -1.74 7.05 5.50
C ASP B 113 -3.13 6.42 5.43
N SER B 114 -3.24 5.27 4.77
CA SER B 114 -4.47 4.50 4.77
C SER B 114 -4.63 3.77 6.10
N LYS B 115 -5.88 3.46 6.44
CA LYS B 115 -6.14 2.68 7.64
C LYS B 115 -6.29 1.19 7.37
N VAL B 116 -6.14 0.73 6.11
CA VAL B 116 -6.56 -0.64 5.81
C VAL B 116 -5.65 -1.65 6.53
N ASN B 117 -4.37 -1.36 6.67
CA ASN B 117 -3.50 -2.33 7.33
C ASN B 117 -3.67 -2.30 8.85
N ARG B 118 -3.99 -1.15 9.44
CA ARG B 118 -4.32 -1.13 10.86
C ARG B 118 -5.57 -1.95 11.15
N ILE B 119 -6.58 -1.84 10.28
CA ILE B 119 -7.76 -2.68 10.41
C ILE B 119 -7.38 -4.16 10.37
N ARG B 120 -6.48 -4.54 9.46
CA ARG B 120 -6.06 -5.94 9.40
C ARG B 120 -5.27 -6.37 10.62
N PHE B 121 -4.54 -5.45 11.24
CA PHE B 121 -3.44 -5.82 12.11
C PHE B 121 -3.66 -5.32 13.54
N LYS B 122 -4.93 -5.29 13.96
CA LYS B 122 -5.32 -4.97 15.33
C LYS B 122 -4.77 -3.62 15.76
N ASP B 123 -4.75 -2.67 14.82
CA ASP B 123 -4.39 -1.28 15.06
C ASP B 123 -2.90 -1.09 15.36
N HIS B 124 -2.07 -2.10 15.10
CA HIS B 124 -0.63 -1.96 15.24
C HIS B 124 0.00 -1.62 13.89
N ASP B 125 1.34 -1.59 13.83
CA ASP B 125 2.06 -1.26 12.61
C ASP B 125 2.38 -2.54 11.86
N PHE B 126 1.72 -2.73 10.73
CA PHE B 126 2.09 -3.79 9.80
C PHE B 126 3.06 -3.19 8.78
N ALA B 127 4.26 -3.75 8.69
CA ALA B 127 5.23 -3.29 7.70
C ALA B 127 4.84 -3.90 6.36
N ALA B 128 4.28 -3.09 5.47
CA ALA B 128 3.77 -3.57 4.18
C ALA B 128 4.94 -3.79 3.22
N ILE B 129 5.31 -5.05 2.97
CA ILE B 129 6.53 -5.33 2.22
C ILE B 129 6.25 -6.14 0.96
N ALA B 130 7.13 -5.96 -0.01
CA ALA B 130 7.23 -6.80 -1.18
C ALA B 130 7.71 -8.21 -0.83
N ASP B 131 7.53 -9.13 -1.77
CA ASP B 131 8.22 -10.41 -1.70
C ASP B 131 9.70 -10.22 -2.04
N PHE B 132 10.59 -10.74 -1.19
CA PHE B 132 12.01 -10.45 -1.38
C PHE B 132 12.54 -10.98 -2.72
N ASP B 133 12.16 -12.21 -3.10
CA ASP B 133 12.68 -12.79 -4.34
C ASP B 133 12.26 -11.97 -5.55
N MET B 134 11.00 -11.50 -5.54
CA MET B 134 10.54 -10.61 -6.61
C MET B 134 11.35 -9.33 -6.66
N VAL B 135 11.66 -8.74 -5.49
CA VAL B 135 12.54 -7.58 -5.48
C VAL B 135 13.87 -7.92 -6.13
N ARG B 136 14.48 -9.04 -5.72
CA ARG B 136 15.81 -9.38 -6.21
C ARG B 136 15.80 -9.65 -7.70
N ASN B 137 14.77 -10.36 -8.20
CA ASN B 137 14.63 -10.59 -9.65
C ASN B 137 14.57 -9.27 -10.40
N ALA B 138 13.85 -8.28 -9.85
CA ALA B 138 13.72 -6.99 -10.52
C ALA B 138 15.05 -6.24 -10.52
N VAL B 139 15.76 -6.24 -9.38
CA VAL B 139 17.08 -5.62 -9.32
C VAL B 139 18.01 -6.25 -10.37
N ASP B 140 18.02 -7.59 -10.43
CA ASP B 140 18.90 -8.27 -11.37
C ASP B 140 18.50 -8.01 -12.82
N ALA B 141 17.19 -8.03 -13.12
CA ALA B 141 16.75 -7.75 -14.49
C ALA B 141 17.15 -6.35 -14.91
N ALA B 142 17.04 -5.37 -14.00
CA ALA B 142 17.45 -4.01 -14.31
C ALA B 142 18.95 -3.94 -14.56
N LYS B 143 19.74 -4.69 -13.78
CA LYS B 143 21.18 -4.68 -13.99
C LYS B 143 21.54 -5.23 -15.36
N ALA B 144 20.95 -6.38 -15.73
CA ALA B 144 21.21 -6.96 -17.03
C ALA B 144 20.86 -6.00 -18.18
N LEU B 145 19.87 -5.14 -17.97
CA LEU B 145 19.54 -4.12 -18.96
C LEU B 145 20.34 -2.85 -18.76
N GLY B 146 21.30 -2.83 -17.84
CA GLY B 146 22.08 -1.63 -17.63
C GLY B 146 21.31 -0.48 -17.02
N ILE B 147 20.33 -0.76 -16.16
CA ILE B 147 19.57 0.28 -15.47
C ILE B 147 19.80 0.11 -13.97
N ASP B 148 20.12 1.20 -13.29
CA ASP B 148 20.26 1.14 -11.83
C ASP B 148 18.91 1.51 -11.21
N ALA B 149 18.39 0.60 -10.40
CA ALA B 149 17.13 0.82 -9.72
C ALA B 149 17.40 1.13 -8.25
N ARG B 150 16.70 2.12 -7.71
CA ARG B 150 16.73 2.37 -6.27
C ARG B 150 15.71 1.47 -5.60
N VAL B 151 16.13 0.82 -4.50
CA VAL B 151 15.23 -0.02 -3.69
C VAL B 151 15.07 0.63 -2.32
N GLY B 152 13.83 0.78 -1.88
CA GLY B 152 13.56 1.37 -0.59
C GLY B 152 12.07 1.51 -0.35
N ASN B 153 11.67 2.57 0.34
CA ASN B 153 10.27 2.78 0.69
C ASN B 153 9.54 3.64 -0.33
N LEU B 154 8.33 3.23 -0.67
CA LEU B 154 7.34 4.10 -1.27
C LEU B 154 6.43 4.67 -0.18
N PHE B 155 5.63 5.67 -0.55
CA PHE B 155 4.54 6.13 0.30
C PHE B 155 3.26 6.06 -0.51
N SER B 156 2.27 5.31 -0.01
CA SER B 156 0.98 5.13 -0.68
C SER B 156 -0.04 6.09 -0.06
N ALA B 157 -0.35 7.17 -0.78
CA ALA B 157 -1.28 8.18 -0.27
C ALA B 157 -2.74 7.84 -0.60
N ASP B 158 -3.64 8.19 0.33
CA ASP B 158 -5.07 8.19 0.01
C ASP B 158 -5.48 9.47 -0.71
N LEU B 159 -4.82 10.59 -0.45
CA LEU B 159 -5.21 11.87 -1.05
C LEU B 159 -4.10 12.34 -1.98
N PHE B 160 -4.30 12.13 -3.29
CA PHE B 160 -3.45 12.74 -4.30
C PHE B 160 -3.31 14.25 -4.07
N TYR B 161 -4.43 14.91 -3.72
CA TYR B 161 -4.45 16.34 -3.34
C TYR B 161 -4.51 16.42 -1.83
N SER B 162 -3.36 16.39 -1.21
CA SER B 162 -3.29 16.38 0.24
C SER B 162 -3.63 17.76 0.79
N PRO B 163 -4.43 17.85 1.87
CA PRO B 163 -4.54 19.13 2.58
C PRO B 163 -3.33 19.43 3.44
N ASP B 164 -2.55 18.39 3.79
CA ASP B 164 -1.35 18.52 4.61
C ASP B 164 -0.33 19.36 3.82
N GLY B 165 0.52 18.70 3.07
CA GLY B 165 1.67 19.33 2.47
C GLY B 165 2.87 19.31 3.37
N GLU B 166 2.65 19.35 4.69
CA GLU B 166 3.75 19.16 5.61
C GLU B 166 4.20 17.70 5.65
N MET B 167 3.37 16.78 5.17
CA MET B 167 3.74 15.37 5.16
C MET B 167 4.84 15.07 4.14
N PHE B 168 4.97 15.87 3.10
CA PHE B 168 6.04 15.63 2.15
C PHE B 168 7.42 15.84 2.77
N ASP B 169 7.56 16.82 3.67
CA ASP B 169 8.82 16.97 4.40
C ASP B 169 9.12 15.75 5.24
N VAL B 170 8.08 15.18 5.88
CA VAL B 170 8.27 13.99 6.70
C VAL B 170 8.77 12.83 5.84
N MET B 171 8.10 12.58 4.71
CA MET B 171 8.55 11.54 3.78
C MET B 171 10.00 11.75 3.36
N GLU B 172 10.36 13.00 3.06
CA GLU B 172 11.74 13.28 2.68
C GLU B 172 12.68 12.95 3.82
N LYS B 173 12.34 13.41 5.03
CA LYS B 173 13.20 13.18 6.18
C LYS B 173 13.48 11.70 6.39
N TYR B 174 12.47 10.84 6.20
CA TYR B 174 12.63 9.42 6.45
C TYR B 174 12.92 8.63 5.17
N GLY B 175 13.40 9.29 4.13
CA GLY B 175 13.98 8.63 2.96
C GLY B 175 13.03 7.99 1.98
N ILE B 176 11.77 8.43 1.91
CA ILE B 176 10.81 7.83 0.98
C ILE B 176 11.25 8.12 -0.45
N LEU B 177 11.32 7.07 -1.27
CA LEU B 177 11.83 7.21 -2.63
C LEU B 177 10.78 7.72 -3.60
N GLY B 178 9.50 7.39 -3.37
CA GLY B 178 8.46 7.77 -4.30
C GLY B 178 7.09 7.75 -3.66
N VAL B 179 6.24 8.68 -4.09
CA VAL B 179 4.88 8.82 -3.60
C VAL B 179 3.94 8.29 -4.69
N GLU B 180 3.17 7.25 -4.36
CA GLU B 180 2.12 6.82 -5.27
C GLU B 180 0.88 6.51 -4.43
N MET B 181 0.07 5.52 -4.84
CA MET B 181 -1.24 5.39 -4.20
C MET B 181 -1.73 3.94 -4.07
N GLU B 182 -0.86 2.93 -4.13
CA GLU B 182 -1.40 1.57 -4.26
C GLU B 182 -0.56 0.52 -3.53
N ALA B 183 0.78 0.67 -3.58
CA ALA B 183 1.69 -0.37 -3.09
C ALA B 183 1.30 -0.91 -1.71
N ALA B 184 1.10 -0.03 -0.74
CA ALA B 184 0.81 -0.53 0.62
C ALA B 184 -0.46 -1.38 0.65
N GLY B 185 -1.46 -1.01 -0.15
CA GLY B 185 -2.68 -1.82 -0.19
C GLY B 185 -2.45 -3.16 -0.83
N ILE B 186 -1.66 -3.20 -1.92
CA ILE B 186 -1.37 -4.46 -2.60
C ILE B 186 -0.54 -5.38 -1.71
N TYR B 187 0.44 -4.82 -1.00
CA TYR B 187 1.24 -5.62 -0.09
C TYR B 187 0.36 -6.14 1.05
N GLY B 188 -0.59 -5.33 1.50
CA GLY B 188 -1.53 -5.80 2.50
C GLY B 188 -2.39 -6.94 2.00
N VAL B 189 -2.91 -6.81 0.77
CA VAL B 189 -3.69 -7.90 0.18
C VAL B 189 -2.84 -9.15 0.07
N ALA B 190 -1.57 -9.01 -0.35
CA ALA B 190 -0.74 -10.18 -0.61
C ALA B 190 -0.43 -10.95 0.66
N ALA B 191 -0.22 -10.23 1.77
CA ALA B 191 -0.03 -10.90 3.05
C ALA B 191 -1.33 -11.56 3.52
N GLU B 192 -2.47 -10.89 3.31
CA GLU B 192 -3.73 -11.39 3.83
C GLU B 192 -4.16 -12.68 3.13
N PHE B 193 -3.91 -12.78 1.82
CA PHE B 193 -4.37 -13.93 1.05
C PHE B 193 -3.24 -14.84 0.60
N GLY B 194 -2.03 -14.63 1.10
CA GLY B 194 -0.93 -15.57 0.85
C GLY B 194 -0.34 -15.56 -0.55
N ALA B 195 -0.25 -14.40 -1.19
CA ALA B 195 0.39 -14.32 -2.50
C ALA B 195 1.64 -13.44 -2.38
N LYS B 196 2.23 -13.10 -3.53
CA LYS B 196 3.47 -12.33 -3.61
C LYS B 196 3.28 -11.09 -4.47
N ALA B 197 3.92 -9.98 -4.09
CA ALA B 197 3.66 -8.74 -4.79
C ALA B 197 4.91 -7.85 -4.83
N LEU B 198 4.97 -7.01 -5.85
CA LEU B 198 6.06 -6.08 -6.04
C LEU B 198 5.52 -4.84 -6.73
N THR B 199 5.97 -3.67 -6.31
CA THR B 199 5.65 -2.41 -6.97
C THR B 199 6.93 -1.81 -7.54
N ILE B 200 6.91 -1.52 -8.84
CA ILE B 200 7.98 -0.77 -9.50
C ILE B 200 7.37 0.50 -10.04
N CYS B 201 8.05 1.64 -9.83
CA CYS B 201 7.59 2.91 -10.35
C CYS B 201 8.70 3.63 -11.07
N THR B 202 8.30 4.47 -12.04
CA THR B 202 9.19 5.48 -12.62
C THR B 202 8.80 6.83 -12.06
N VAL B 203 9.81 7.66 -11.79
CA VAL B 203 9.57 8.99 -11.24
C VAL B 203 9.04 9.86 -12.37
N SER B 204 7.78 10.30 -12.26
CA SER B 204 7.18 11.10 -13.31
C SER B 204 7.10 12.58 -12.97
N ASN B 205 7.50 12.96 -11.75
CA ASN B 205 7.57 14.36 -11.38
C ASN B 205 8.33 14.47 -10.08
N HIS B 206 8.76 15.68 -9.77
CA HIS B 206 9.38 16.00 -8.49
C HIS B 206 8.41 16.92 -7.77
N ILE B 207 7.82 16.43 -6.67
CA ILE B 207 6.76 17.17 -5.98
C ILE B 207 7.26 18.54 -5.55
N ARG B 208 8.55 18.65 -5.23
CA ARG B 208 9.26 19.92 -5.10
C ARG B 208 10.18 20.06 -6.31
N THR B 209 10.21 21.28 -6.88
CA THR B 209 10.85 21.56 -8.17
C THR B 209 10.09 20.89 -9.31
N HIS B 210 10.79 20.44 -10.36
CA HIS B 210 10.12 19.86 -11.50
C HIS B 210 11.02 19.03 -12.42
N GLU B 211 12.23 19.55 -12.72
CA GLU B 211 13.16 18.97 -13.69
C GLU B 211 12.57 19.00 -15.10
N GLN B 212 13.32 18.50 -16.10
CA GLN B 212 12.93 18.70 -17.49
C GLN B 212 13.42 17.55 -18.36
N THR B 213 12.50 16.89 -19.08
CA THR B 213 12.82 15.83 -20.03
C THR B 213 11.93 15.97 -21.25
N THR B 214 12.05 15.01 -22.17
CA THR B 214 11.25 14.95 -23.39
C THR B 214 10.31 13.76 -23.36
N ALA B 215 9.24 13.87 -24.15
CA ALA B 215 8.27 12.76 -24.28
C ALA B 215 8.96 11.46 -24.66
N ALA B 216 9.83 11.50 -25.67
CA ALA B 216 10.52 10.30 -26.12
C ALA B 216 11.35 9.68 -25.00
N GLU B 217 12.04 10.53 -24.21
CA GLU B 217 12.84 10.03 -23.11
C GLU B 217 11.97 9.42 -22.01
N ARG B 218 10.87 10.09 -21.65
CA ARG B 218 9.96 9.56 -20.63
C ARG B 218 9.33 8.23 -21.07
N GLN B 219 8.90 8.14 -22.32
CA GLN B 219 8.30 6.91 -22.78
C GLN B 219 9.32 5.79 -22.88
N THR B 220 10.59 6.12 -23.13
CA THR B 220 11.63 5.09 -23.11
C THR B 220 11.76 4.50 -21.71
N THR B 221 11.75 5.35 -20.69
CA THR B 221 11.93 4.85 -19.33
C THR B 221 10.72 4.05 -18.88
N PHE B 222 9.51 4.48 -19.24
CA PHE B 222 8.35 3.68 -18.93
C PHE B 222 8.48 2.27 -19.52
N ASN B 223 9.00 2.17 -20.74
CA ASN B 223 9.16 0.85 -21.36
C ASN B 223 10.25 0.04 -20.69
N ASP B 224 11.29 0.70 -20.18
CA ASP B 224 12.31 0.03 -19.38
C ASP B 224 11.71 -0.62 -18.14
N MET B 225 10.87 0.14 -17.41
CA MET B 225 10.20 -0.44 -16.26
C MET B 225 9.45 -1.72 -16.63
N ILE B 226 8.74 -1.71 -17.77
CA ILE B 226 7.94 -2.86 -18.17
C ILE B 226 8.86 -4.00 -18.50
N LYS B 227 9.96 -3.65 -19.18
C LYS B 227 11.62 -5.48 -18.16
N ILE B 228 12.05 -4.57 -17.27
CA ILE B 228 12.48 -5.03 -15.95
C ILE B 228 11.44 -5.96 -15.36
N ALA B 229 10.17 -5.54 -15.37
CA ALA B 229 9.12 -6.33 -14.74
C ALA B 229 8.99 -7.68 -15.44
N LEU B 230 8.93 -7.66 -16.77
CA LEU B 230 8.79 -8.91 -17.55
C LEU B 230 10.00 -9.82 -17.38
N GLU B 231 11.21 -9.25 -17.46
CA GLU B 231 12.41 -10.08 -17.32
C GLU B 231 12.55 -10.60 -15.88
N SER B 232 12.08 -9.85 -14.88
CA SER B 232 12.17 -10.34 -13.51
C SER B 232 11.34 -11.61 -13.33
N VAL B 233 10.18 -11.68 -13.98
CA VAL B 233 9.37 -12.91 -13.99
C VAL B 233 10.21 -14.08 -14.47
N LEU B 234 10.86 -13.92 -15.62
CA LEU B 234 11.65 -15.02 -16.19
C LEU B 234 12.76 -15.45 -15.25
N LEU B 235 13.39 -14.48 -14.55
CA LEU B 235 14.38 -14.84 -13.55
C LEU B 235 13.74 -15.63 -12.41
N GLY B 236 12.54 -15.22 -11.99
CA GLY B 236 11.85 -15.95 -10.94
C GLY B 236 11.55 -17.38 -11.30
N ASP B 237 11.14 -17.62 -12.56
CA ASP B 237 10.89 -18.98 -13.03
C ASP B 237 12.12 -19.88 -12.86
N LYS B 238 13.30 -19.29 -12.68
CA LYS B 238 14.59 -19.95 -12.39
C LYS B 238 15.20 -20.47 -13.67
N ALA C 2 32.55 11.86 23.47
CA ALA C 2 31.63 10.94 24.14
C ALA C 2 30.18 11.41 24.04
N THR C 3 29.25 10.48 24.17
CA THR C 3 27.81 10.74 24.16
C THR C 3 27.28 10.29 25.51
N PRO C 4 26.01 10.59 25.85
CA PRO C 4 25.52 10.20 27.18
C PRO C 4 25.63 8.71 27.48
N HIS C 5 25.67 7.83 26.49
CA HIS C 5 25.69 6.40 26.79
C HIS C 5 26.89 5.68 26.21
N ILE C 6 27.80 6.40 25.55
CA ILE C 6 28.97 5.78 24.95
C ILE C 6 30.16 6.69 25.27
N ASN C 7 31.10 6.18 26.07
CA ASN C 7 32.29 6.95 26.41
C ASN C 7 33.41 6.56 25.44
N ALA C 8 33.40 7.24 24.29
CA ALA C 8 34.35 6.98 23.21
C ALA C 8 34.42 8.22 22.35
N GLU C 9 35.33 8.20 21.39
CA GLU C 9 35.52 9.34 20.51
C GLU C 9 35.33 8.90 19.07
N MET C 10 35.00 9.87 18.21
CA MET C 10 34.91 9.61 16.79
C MET C 10 36.17 8.89 16.32
N GLY C 11 35.97 7.80 15.58
CA GLY C 11 37.05 6.95 15.14
C GLY C 11 37.20 5.66 15.92
N ASP C 12 36.72 5.61 17.16
CA ASP C 12 36.85 4.39 17.95
C ASP C 12 35.97 3.27 17.40
N PHE C 13 34.88 3.61 16.70
CA PHE C 13 34.00 2.60 16.14
C PHE C 13 34.23 2.48 14.64
N ALA C 14 34.20 1.24 14.14
CA ALA C 14 34.16 1.04 12.71
C ALA C 14 32.87 1.63 12.15
N ASP C 15 32.79 1.73 10.83
CA ASP C 15 31.58 2.22 10.21
C ASP C 15 30.49 1.14 10.16
N VAL C 16 30.82 -0.08 10.59
CA VAL C 16 29.87 -1.19 10.69
C VAL C 16 29.90 -1.71 12.12
N VAL C 17 28.73 -1.78 12.76
CA VAL C 17 28.64 -2.28 14.14
C VAL C 17 27.69 -3.46 14.18
N LEU C 18 28.18 -4.60 14.68
CA LEU C 18 27.32 -5.72 15.07
C LEU C 18 26.78 -5.51 16.48
N MET C 19 25.48 -5.73 16.65
CA MET C 19 24.83 -5.51 17.94
C MET C 19 24.03 -6.74 18.37
N PRO C 20 24.56 -7.53 19.30
CA PRO C 20 23.73 -8.50 20.01
C PRO C 20 22.89 -7.79 21.08
N GLY C 21 21.95 -8.53 21.65
CA GLY C 21 21.15 -7.93 22.71
C GLY C 21 21.83 -8.01 24.07
N ASP C 22 22.05 -9.25 24.50
CA ASP C 22 22.89 -9.65 25.61
C ASP C 22 24.28 -9.03 25.47
N PRO C 23 24.64 -8.08 26.34
CA PRO C 23 25.97 -7.43 26.19
C PRO C 23 27.14 -8.37 26.40
N LEU C 24 26.97 -9.45 27.16
CA LEU C 24 28.06 -10.39 27.37
C LEU C 24 28.49 -11.06 26.08
N ARG C 25 27.64 -11.06 25.05
CA ARG C 25 27.99 -11.67 23.78
C ARG C 25 28.96 -10.81 22.97
N ALA C 26 29.08 -9.52 23.28
CA ALA C 26 29.98 -8.67 22.50
C ALA C 26 31.44 -9.11 22.70
N LYS C 27 31.84 -9.33 23.96
CA LYS C 27 33.18 -9.79 24.24
C LYS C 27 33.43 -11.16 23.59
N TYR C 28 32.43 -12.04 23.62
CA TYR C 28 32.55 -13.31 22.93
C TYR C 28 32.84 -13.12 21.45
N ILE C 29 32.01 -12.34 20.76
CA ILE C 29 32.20 -12.12 19.33
C ILE C 29 33.59 -11.55 19.06
N ALA C 30 33.98 -10.54 19.85
CA ALA C 30 35.26 -9.88 19.61
C ALA C 30 36.41 -10.86 19.75
N GLU C 31 36.35 -11.72 20.76
CA GLU C 31 37.44 -12.65 21.00
C GLU C 31 37.39 -13.85 20.06
N THR C 32 36.21 -14.23 19.59
CA THR C 32 36.07 -15.42 18.75
C THR C 32 36.21 -15.15 17.26
N PHE C 33 35.76 -13.98 16.77
CA PHE C 33 35.72 -13.73 15.34
C PHE C 33 36.54 -12.54 14.87
N LEU C 34 36.99 -11.68 15.76
CA LEU C 34 37.76 -10.52 15.35
C LEU C 34 39.23 -10.72 15.71
N GLU C 35 40.09 -10.05 14.97
CA GLU C 35 41.52 -9.95 15.26
C GLU C 35 41.82 -8.59 15.85
N ASP C 36 42.83 -8.55 16.73
CA ASP C 36 43.37 -7.29 17.24
C ASP C 36 42.30 -6.45 17.90
N ALA C 37 41.38 -7.08 18.62
CA ALA C 37 40.26 -6.35 19.19
C ALA C 37 40.73 -5.42 20.29
N ARG C 38 40.18 -4.21 20.31
CA ARG C 38 40.44 -3.27 21.40
C ARG C 38 39.11 -2.81 22.01
N GLU C 39 39.09 -2.64 23.34
CA GLU C 39 37.89 -2.20 24.03
C GLU C 39 37.68 -0.70 23.81
N VAL C 40 36.46 -0.32 23.45
CA VAL C 40 36.19 1.08 23.12
C VAL C 40 35.03 1.67 23.93
N ASN C 41 34.33 0.84 24.71
CA ASN C 41 33.28 1.40 25.56
C ASN C 41 32.94 0.45 26.71
N ASN C 42 32.60 1.03 27.86
CA ASN C 42 32.21 0.26 29.04
C ASN C 42 31.04 0.85 29.84
N VAL C 43 30.41 1.94 29.39
CA VAL C 43 29.41 2.64 30.18
C VAL C 43 28.24 1.71 30.50
N ARG C 44 27.85 1.70 31.78
CA ARG C 44 26.87 0.80 32.38
C ARG C 44 26.96 -0.63 31.82
N GLY C 45 28.19 -1.13 31.67
CA GLY C 45 28.42 -2.53 31.37
C GLY C 45 28.10 -2.94 29.96
N MET C 46 27.92 -1.99 29.04
CA MET C 46 27.59 -2.28 27.65
C MET C 46 28.88 -2.26 26.84
N LEU C 47 29.68 -3.31 27.01
CA LEU C 47 31.03 -3.33 26.46
C LEU C 47 31.01 -3.29 24.93
N GLY C 48 31.88 -2.46 24.37
CA GLY C 48 32.07 -2.38 22.93
C GLY C 48 33.51 -2.64 22.55
N PHE C 49 33.70 -3.19 21.34
CA PHE C 49 35.02 -3.56 20.86
C PHE C 49 35.15 -3.23 19.38
N THR C 50 36.37 -2.94 18.94
CA THR C 50 36.66 -2.71 17.53
C THR C 50 37.85 -3.59 17.13
N GLY C 51 37.73 -4.24 15.98
CA GLY C 51 38.75 -5.15 15.51
C GLY C 51 38.62 -5.33 14.01
N THR C 52 39.21 -6.41 13.49
CA THR C 52 39.10 -6.69 12.07
C THR C 52 38.65 -8.12 11.83
N TYR C 53 37.91 -8.31 10.75
CA TYR C 53 37.53 -9.61 10.24
C TYR C 53 38.01 -9.68 8.80
N LYS C 54 39.00 -10.55 8.54
CA LYS C 54 39.64 -10.63 7.24
C LYS C 54 40.08 -9.26 6.74
N GLY C 55 40.72 -8.51 7.64
CA GLY C 55 41.23 -7.19 7.32
C GLY C 55 40.20 -6.07 7.41
N ARG C 56 38.91 -6.40 7.49
CA ARG C 56 37.84 -5.41 7.47
C ARG C 56 37.57 -4.93 8.88
N LYS C 57 37.59 -3.62 9.08
CA LYS C 57 37.31 -3.05 10.40
C LYS C 57 35.84 -3.29 10.80
N ILE C 58 35.62 -3.91 11.97
CA ILE C 58 34.31 -4.23 12.51
C ILE C 58 34.26 -3.81 13.98
N SER C 59 33.13 -3.26 14.42
CA SER C 59 32.86 -3.09 15.85
C SER C 59 31.70 -3.96 16.30
N VAL C 60 31.69 -4.28 17.60
CA VAL C 60 30.60 -5.05 18.20
C VAL C 60 30.30 -4.49 19.59
N MET C 61 29.00 -4.38 19.90
CA MET C 61 28.54 -3.82 21.17
C MET C 61 27.06 -4.15 21.32
N GLY C 62 26.66 -4.56 22.54
CA GLY C 62 25.28 -4.95 22.78
C GLY C 62 24.33 -3.77 22.84
N HIS C 63 23.04 -4.03 22.58
CA HIS C 63 22.06 -2.94 22.50
C HIS C 63 20.98 -2.93 23.57
N GLY C 64 21.03 -3.85 24.56
CA GLY C 64 19.97 -3.98 25.55
C GLY C 64 18.71 -4.60 24.96
N MET C 65 17.69 -4.74 25.79
CA MET C 65 16.41 -5.28 25.33
C MET C 65 15.42 -4.16 25.07
N GLY C 66 14.77 -4.22 23.92
CA GLY C 66 13.62 -3.37 23.71
C GLY C 66 13.93 -2.16 22.84
N ILE C 67 12.88 -1.68 22.17
CA ILE C 67 13.05 -0.58 21.21
C ILE C 67 13.66 0.66 21.85
N PRO C 68 13.27 1.10 23.05
CA PRO C 68 13.89 2.32 23.61
C PRO C 68 15.37 2.17 23.86
N SER C 69 15.81 0.99 24.31
CA SER C 69 17.24 0.79 24.56
C SER C 69 18.03 0.87 23.26
N CYS C 70 17.71 0.03 22.28
CA CYS C 70 18.53 0.02 21.08
C CYS C 70 18.39 1.32 20.29
N SER C 71 17.26 2.04 20.45
CA SER C 71 17.13 3.32 19.77
C SER C 71 18.14 4.32 20.27
N ILE C 72 18.47 4.25 21.56
CA ILE C 72 19.48 5.16 22.09
C ILE C 72 20.84 4.85 21.47
N TYR C 73 21.26 3.59 21.52
CA TYR C 73 22.63 3.27 21.12
C TYR C 73 22.81 3.43 19.62
N THR C 74 21.82 2.98 18.83
CA THR C 74 21.98 3.11 17.39
C THR C 74 22.00 4.58 16.99
N LYS C 75 21.18 5.42 17.63
CA LYS C 75 21.20 6.84 17.30
C LYS C 75 22.58 7.43 17.56
N GLU C 76 23.15 7.19 18.74
CA GLU C 76 24.41 7.82 19.09
C GLU C 76 25.55 7.33 18.19
N LEU C 77 25.57 6.03 17.87
CA LEU C 77 26.58 5.53 16.94
C LEU C 77 26.50 6.27 15.61
N ILE C 78 25.29 6.46 15.08
CA ILE C 78 25.12 7.08 13.76
C ILE C 78 25.45 8.58 13.80
N THR C 79 24.94 9.30 14.80
CA THR C 79 25.14 10.76 14.76
C THR C 79 26.50 11.19 15.29
N ASP C 80 27.15 10.40 16.13
CA ASP C 80 28.41 10.85 16.72
C ASP C 80 29.63 9.98 16.42
N PHE C 81 29.47 8.79 15.82
CA PHE C 81 30.61 7.94 15.56
C PHE C 81 30.69 7.51 14.09
N GLY C 82 30.00 8.23 13.21
CA GLY C 82 30.09 7.96 11.78
C GLY C 82 29.68 6.58 11.35
N VAL C 83 28.93 5.85 12.17
CA VAL C 83 28.54 4.50 11.82
C VAL C 83 27.55 4.55 10.66
N LYS C 84 27.76 3.69 9.65
CA LYS C 84 26.93 3.63 8.45
C LYS C 84 26.00 2.44 8.41
N LYS C 85 26.39 1.33 9.03
CA LYS C 85 25.61 0.10 9.01
C LYS C 85 25.55 -0.47 10.42
N ILE C 86 24.36 -0.92 10.80
CA ILE C 86 24.14 -1.65 12.03
C ILE C 86 23.51 -2.99 11.69
N ILE C 87 24.09 -4.07 12.21
CA ILE C 87 23.52 -5.40 12.07
C ILE C 87 23.19 -5.91 13.48
N ARG C 88 21.89 -6.01 13.77
CA ARG C 88 21.47 -6.64 15.01
C ARG C 88 21.42 -8.15 14.81
N VAL C 89 22.00 -8.90 15.73
CA VAL C 89 22.05 -10.35 15.68
C VAL C 89 21.48 -10.88 16.98
N GLY C 90 20.47 -11.73 16.89
CA GLY C 90 19.80 -12.17 18.09
C GLY C 90 18.84 -13.29 17.82
N SER C 91 17.93 -13.50 18.76
CA SER C 91 16.98 -14.59 18.66
C SER C 91 15.57 -14.05 18.55
N CYS C 92 14.66 -14.91 18.09
CA CYS C 92 13.26 -14.56 17.96
C CYS C 92 12.42 -15.79 18.23
N GLY C 93 11.14 -15.57 18.53
CA GLY C 93 10.16 -16.63 18.65
C GLY C 93 9.32 -16.72 17.40
N ALA C 94 8.89 -17.92 17.05
CA ALA C 94 8.16 -18.14 15.82
C ALA C 94 6.70 -18.49 16.08
N VAL C 95 5.83 -18.05 15.17
CA VAL C 95 4.41 -18.39 15.23
C VAL C 95 3.99 -19.29 14.08
N LEU C 96 4.81 -19.42 13.04
CA LEU C 96 4.41 -20.17 11.86
C LEU C 96 4.74 -21.64 12.05
N PRO C 97 3.82 -22.55 11.72
CA PRO C 97 4.10 -23.97 11.95
C PRO C 97 5.31 -24.48 11.18
N HIS C 98 5.59 -23.91 10.01
CA HIS C 98 6.71 -24.37 9.20
C HIS C 98 8.02 -23.69 9.52
N VAL C 99 8.04 -22.67 10.38
CA VAL C 99 9.31 -22.10 10.85
C VAL C 99 9.79 -22.91 12.03
N LYS C 100 11.02 -23.43 11.94
CA LYS C 100 11.52 -24.39 12.91
C LYS C 100 12.61 -23.77 13.79
N LEU C 101 12.84 -24.39 14.93
CA LEU C 101 13.89 -23.96 15.83
C LEU C 101 15.23 -23.90 15.11
N ARG C 102 15.99 -22.84 15.39
CA ARG C 102 17.33 -22.57 14.86
C ARG C 102 17.34 -22.19 13.39
N ASP C 103 16.19 -22.09 12.73
CA ASP C 103 16.14 -21.44 11.43
C ASP C 103 16.70 -20.02 11.54
N VAL C 104 17.31 -19.55 10.46
CA VAL C 104 17.81 -18.19 10.39
C VAL C 104 16.76 -17.34 9.67
N VAL C 105 16.42 -16.20 10.27
CA VAL C 105 15.40 -15.29 9.78
C VAL C 105 16.04 -13.93 9.57
N ILE C 106 15.77 -13.31 8.43
CA ILE C 106 16.30 -12.00 8.07
C ILE C 106 15.13 -11.03 7.93
N GLY C 107 15.13 -9.99 8.75
CA GLY C 107 13.99 -9.09 8.80
C GLY C 107 14.04 -7.99 7.76
N MET C 108 13.54 -8.29 6.56
CA MET C 108 13.45 -7.24 5.54
C MET C 108 12.56 -6.12 6.02
N GLY C 109 11.54 -6.47 6.80
CA GLY C 109 10.69 -5.50 7.45
C GLY C 109 10.44 -5.94 8.88
N ALA C 110 9.86 -5.02 9.65
CA ALA C 110 9.57 -5.29 11.06
C ALA C 110 8.27 -4.57 11.40
N CYS C 111 7.24 -5.36 11.71
CA CYS C 111 6.03 -4.85 12.34
C CYS C 111 6.32 -4.50 13.80
N THR C 112 5.39 -3.75 14.41
CA THR C 112 5.59 -3.42 15.82
C THR C 112 4.28 -2.97 16.44
N ASP C 113 4.14 -3.17 17.76
CA ASP C 113 3.08 -2.53 18.52
C ASP C 113 3.58 -1.31 19.30
N SER C 114 4.82 -0.88 19.01
CA SER C 114 5.38 0.34 19.57
C SER C 114 4.76 1.57 18.91
N LYS C 115 4.79 2.70 19.61
CA LYS C 115 4.32 3.96 19.04
C LYS C 115 5.44 4.81 18.41
N VAL C 116 6.71 4.38 18.45
CA VAL C 116 7.81 5.31 18.16
C VAL C 116 7.77 5.77 16.71
N ASN C 117 7.45 4.86 15.78
CA ASN C 117 7.44 5.28 14.38
C ASN C 117 6.21 6.13 14.06
N ARG C 118 5.08 5.87 14.71
CA ARG C 118 3.92 6.76 14.54
C ARG C 118 4.21 8.14 15.06
N ILE C 119 5.01 8.25 16.12
CA ILE C 119 5.42 9.58 16.58
C ILE C 119 6.32 10.25 15.53
N ARG C 120 7.12 9.47 14.81
CA ARG C 120 7.98 10.05 13.78
C ARG C 120 7.20 10.41 12.53
N PHE C 121 6.16 9.66 12.21
CA PHE C 121 5.57 9.66 10.89
C PHE C 121 4.15 10.24 10.95
N LYS C 122 3.97 11.24 11.83
CA LYS C 122 2.71 11.96 12.00
C LYS C 122 1.52 11.01 12.14
N ASP C 123 1.73 9.92 12.88
CA ASP C 123 0.67 8.94 13.19
C ASP C 123 0.19 8.18 11.96
N HIS C 124 0.97 8.15 10.88
CA HIS C 124 0.66 7.27 9.75
C HIS C 124 1.50 6.00 9.88
N ASP C 125 1.41 5.11 8.87
CA ASP C 125 2.14 3.85 8.85
C ASP C 125 3.48 4.05 8.16
N PHE C 126 4.55 4.04 8.94
CA PHE C 126 5.89 3.91 8.40
C PHE C 126 6.24 2.43 8.30
N ALA C 127 6.64 1.98 7.11
CA ALA C 127 7.10 0.60 6.92
C ALA C 127 8.56 0.54 7.38
N ALA C 128 8.80 -0.04 8.54
CA ALA C 128 10.17 -0.14 9.07
C ALA C 128 10.92 -1.22 8.31
N ILE C 129 11.86 -0.82 7.46
CA ILE C 129 12.49 -1.80 6.58
C ILE C 129 14.00 -1.74 6.71
N ALA C 130 14.63 -2.87 6.42
CA ALA C 130 16.08 -2.99 6.36
C ALA C 130 16.59 -2.33 5.08
N ASP C 131 17.92 -2.20 4.99
CA ASP C 131 18.57 -1.83 3.74
C ASP C 131 18.57 -3.04 2.82
N PHE C 132 18.15 -2.85 1.57
CA PHE C 132 17.97 -4.00 0.69
C PHE C 132 19.29 -4.73 0.41
N ASP C 133 20.36 -4.00 0.16
CA ASP C 133 21.63 -4.67 -0.12
C ASP C 133 22.10 -5.48 1.07
N MET C 134 21.92 -4.95 2.29
CA MET C 134 22.30 -5.73 3.47
C MET C 134 21.47 -7.01 3.56
N VAL C 135 20.17 -6.93 3.26
CA VAL C 135 19.36 -8.15 3.21
C VAL C 135 19.99 -9.14 2.25
N ARG C 136 20.23 -8.71 1.02
CA ARG C 136 20.75 -9.62 0.01
C ARG C 136 22.14 -10.13 0.39
N ASN C 137 22.98 -9.27 0.97
CA ASN C 137 24.31 -9.72 1.42
C ASN C 137 24.19 -10.86 2.41
N ALA C 138 23.20 -10.77 3.29
CA ALA C 138 23.03 -11.77 4.33
C ALA C 138 22.53 -13.08 3.74
N VAL C 139 21.60 -12.99 2.79
CA VAL C 139 21.07 -14.18 2.12
C VAL C 139 22.19 -14.91 1.40
N ASP C 140 23.02 -14.16 0.66
CA ASP C 140 24.10 -14.76 -0.11
C ASP C 140 25.18 -15.31 0.82
N ALA C 141 25.51 -14.58 1.89
CA ALA C 141 26.52 -15.10 2.82
C ALA C 141 26.02 -16.37 3.48
N ALA C 142 24.74 -16.41 3.84
CA ALA C 142 24.15 -17.63 4.38
C ALA C 142 24.20 -18.77 3.36
N LYS C 143 23.83 -18.47 2.11
CA LYS C 143 23.88 -19.50 1.08
C LYS C 143 25.28 -20.08 0.96
N ALA C 144 26.29 -19.20 0.94
CA ALA C 144 27.67 -19.65 0.81
C ALA C 144 28.11 -20.50 1.98
N LEU C 145 27.47 -20.36 3.14
CA LEU C 145 27.73 -21.22 4.29
C LEU C 145 26.82 -22.43 4.32
N GLY C 146 26.05 -22.68 3.26
CA GLY C 146 25.15 -23.82 3.27
C GLY C 146 23.94 -23.65 4.16
N ILE C 147 23.48 -22.42 4.37
CA ILE C 147 22.32 -22.13 5.22
C ILE C 147 21.26 -21.45 4.37
N ASP C 148 20.07 -22.04 4.31
CA ASP C 148 18.92 -21.36 3.73
C ASP C 148 18.32 -20.46 4.79
N ALA C 149 18.08 -19.21 4.44
CA ALA C 149 17.55 -18.23 5.37
C ALA C 149 16.23 -17.71 4.84
N ARG C 150 15.25 -17.57 5.72
CA ARG C 150 13.96 -17.01 5.34
C ARG C 150 14.05 -15.49 5.43
N VAL C 151 13.37 -14.81 4.51
CA VAL C 151 13.33 -13.35 4.45
C VAL C 151 11.87 -12.91 4.45
N GLY C 152 11.54 -11.94 5.30
CA GLY C 152 10.18 -11.44 5.39
C GLY C 152 10.05 -10.48 6.56
N ASN C 153 8.91 -10.50 7.26
CA ASN C 153 8.65 -9.60 8.38
C ASN C 153 9.02 -10.21 9.73
N LEU C 154 9.67 -9.41 10.56
CA LEU C 154 9.70 -9.62 12.00
C LEU C 154 8.52 -8.90 12.64
N PHE C 155 8.29 -9.17 13.93
CA PHE C 155 7.41 -8.33 14.72
C PHE C 155 8.19 -7.91 15.96
N SER C 156 8.35 -6.60 16.14
CA SER C 156 9.08 -6.05 17.29
C SER C 156 8.07 -5.69 18.38
N ALA C 157 8.02 -6.53 19.42
CA ALA C 157 7.06 -6.38 20.50
C ALA C 157 7.60 -5.46 21.59
N ASP C 158 6.75 -4.56 22.08
CA ASP C 158 7.09 -3.79 23.27
C ASP C 158 6.97 -4.65 24.52
N LEU C 159 5.98 -5.54 24.58
CA LEU C 159 5.71 -6.36 25.76
C LEU C 159 6.05 -7.81 25.45
N PHE C 160 7.17 -8.28 25.99
CA PHE C 160 7.46 -9.72 25.96
C PHE C 160 6.29 -10.50 26.50
N TYR C 161 5.70 -10.03 27.60
CA TYR C 161 4.53 -10.64 28.23
C TYR C 161 3.29 -9.84 27.82
N SER C 162 2.76 -10.18 26.66
CA SER C 162 1.65 -9.39 26.14
C SER C 162 0.33 -9.92 26.70
N PRO C 163 -0.57 -9.02 27.10
CA PRO C 163 -1.89 -9.45 27.60
C PRO C 163 -2.88 -9.83 26.51
N ASP C 164 -2.51 -9.71 25.23
CA ASP C 164 -3.39 -9.99 24.11
C ASP C 164 -2.88 -11.23 23.39
N GLY C 165 -3.20 -12.40 23.95
CA GLY C 165 -2.77 -13.65 23.35
C GLY C 165 -3.23 -13.83 21.92
N GLU C 166 -4.29 -13.13 21.52
CA GLU C 166 -4.83 -13.26 20.16
C GLU C 166 -3.91 -12.63 19.11
N MET C 167 -3.00 -11.73 19.50
CA MET C 167 -2.15 -11.09 18.51
C MET C 167 -1.22 -12.09 17.82
N PHE C 168 -0.78 -13.13 18.52
CA PHE C 168 0.05 -14.15 17.87
C PHE C 168 -0.67 -14.83 16.71
N ASP C 169 -2.00 -14.99 16.80
CA ASP C 169 -2.73 -15.55 15.67
C ASP C 169 -2.74 -14.59 14.49
N VAL C 170 -2.88 -13.30 14.75
CA VAL C 170 -2.81 -12.30 13.70
C VAL C 170 -1.43 -12.29 13.06
N MET C 171 -0.38 -12.31 13.89
CA MET C 171 0.98 -12.39 13.36
C MET C 171 1.15 -13.57 12.42
N GLU C 172 0.59 -14.71 12.80
CA GLU C 172 0.73 -15.90 11.98
C GLU C 172 -0.05 -15.76 10.69
N LYS C 173 -1.25 -15.17 10.76
CA LYS C 173 -2.06 -14.99 9.56
C LYS C 173 -1.34 -14.11 8.54
N TYR C 174 -0.58 -13.12 9.00
CA TYR C 174 0.03 -12.18 8.08
C TYR C 174 1.49 -12.50 7.84
N GLY C 175 1.90 -13.72 8.17
CA GLY C 175 3.18 -14.25 7.74
C GLY C 175 4.40 -13.83 8.54
N ILE C 176 4.22 -13.33 9.78
CA ILE C 176 5.37 -12.90 10.57
C ILE C 176 6.30 -14.10 10.80
N LEU C 177 7.59 -13.91 10.53
CA LEU C 177 8.54 -15.01 10.63
C LEU C 177 9.13 -15.15 12.03
N GLY C 178 9.28 -14.03 12.73
CA GLY C 178 9.88 -14.09 14.05
C GLY C 178 9.43 -12.92 14.90
N VAL C 179 9.28 -13.17 16.20
CA VAL C 179 8.94 -12.14 17.18
C VAL C 179 10.20 -11.85 17.98
N GLU C 180 10.59 -10.58 17.98
CA GLU C 180 11.68 -10.12 18.84
C GLU C 180 11.28 -8.72 19.31
N MET C 181 12.23 -7.86 19.66
CA MET C 181 11.86 -6.64 20.38
C MET C 181 12.65 -5.39 19.97
N GLU C 182 13.26 -5.36 18.78
CA GLU C 182 14.15 -4.25 18.48
C GLU C 182 14.08 -3.78 17.04
N ALA C 183 13.90 -4.71 16.11
CA ALA C 183 14.10 -4.44 14.69
C ALA C 183 13.39 -3.15 14.24
N ALA C 184 12.09 -3.02 14.51
CA ALA C 184 11.35 -1.87 13.99
C ALA C 184 11.90 -0.57 14.54
N GLY C 185 12.46 -0.58 15.75
CA GLY C 185 13.01 0.63 16.31
C GLY C 185 14.34 0.99 15.71
N ILE C 186 15.19 -0.02 15.46
CA ILE C 186 16.46 0.23 14.79
C ILE C 186 16.20 0.74 13.36
N TYR C 187 15.23 0.14 12.67
CA TYR C 187 14.92 0.56 11.31
C TYR C 187 14.45 2.02 11.29
N GLY C 188 13.62 2.40 12.27
CA GLY C 188 13.17 3.78 12.33
C GLY C 188 14.31 4.77 12.57
N VAL C 189 15.23 4.44 13.47
CA VAL C 189 16.40 5.28 13.71
C VAL C 189 17.27 5.39 12.45
N ALA C 190 17.54 4.25 11.81
CA ALA C 190 18.29 4.24 10.56
C ALA C 190 17.68 5.20 9.55
N ALA C 191 16.35 5.16 9.38
CA ALA C 191 15.70 6.07 8.44
C ALA C 191 15.77 7.50 8.93
N GLU C 192 15.61 7.71 10.24
CA GLU C 192 15.60 9.08 10.77
C GLU C 192 16.93 9.78 10.52
N PHE C 193 18.06 9.10 10.69
CA PHE C 193 19.37 9.73 10.58
C PHE C 193 20.15 9.24 9.38
N GLY C 194 19.47 8.62 8.41
CA GLY C 194 20.08 8.31 7.13
C GLY C 194 21.19 7.26 7.11
N ALA C 195 21.08 6.21 7.91
CA ALA C 195 22.02 5.10 7.78
C ALA C 195 21.28 3.83 7.37
N LYS C 196 21.99 2.69 7.44
CA LYS C 196 21.51 1.41 6.94
C LYS C 196 21.51 0.36 8.06
N ALA C 197 20.48 -0.48 8.08
CA ALA C 197 20.37 -1.44 9.18
C ALA C 197 19.74 -2.74 8.72
N LEU C 198 20.03 -3.79 9.48
CA LEU C 198 19.54 -5.13 9.23
C LEU C 198 19.45 -5.87 10.57
N THR C 199 18.38 -6.63 10.75
CA THR C 199 18.23 -7.55 11.88
C THR C 199 18.22 -8.97 11.35
N ILE C 200 19.08 -9.81 11.92
CA ILE C 200 19.11 -11.24 11.67
C ILE C 200 18.80 -11.94 12.98
N CYS C 201 17.95 -12.96 12.92
CA CYS C 201 17.55 -13.68 14.12
C CYS C 201 17.59 -15.16 13.87
N THR C 202 17.91 -15.92 14.90
CA THR C 202 17.72 -17.36 14.87
C THR C 202 16.52 -17.71 15.75
N VAL C 203 15.76 -18.71 15.31
CA VAL C 203 14.55 -19.08 16.02
C VAL C 203 14.94 -19.88 17.25
N SER C 204 14.74 -19.28 18.44
CA SER C 204 15.13 -19.91 19.69
C SER C 204 13.98 -20.64 20.36
N ASN C 205 12.75 -20.37 19.98
CA ASN C 205 11.59 -20.99 20.59
C ASN C 205 10.41 -20.86 19.65
N HIS C 206 9.44 -21.75 19.82
CA HIS C 206 8.19 -21.69 19.08
C HIS C 206 7.09 -21.27 20.05
N ILE C 207 6.46 -20.13 19.76
CA ILE C 207 5.31 -19.72 20.56
C ILE C 207 4.22 -20.78 20.52
N ARG C 208 3.95 -21.33 19.34
CA ARG C 208 3.16 -22.55 19.22
C ARG C 208 3.93 -23.70 19.84
N THR C 209 3.35 -24.39 20.82
CA THR C 209 4.03 -25.47 21.55
C THR C 209 5.24 -24.83 22.23
N HIS C 210 6.40 -25.50 22.22
CA HIS C 210 7.67 -24.90 22.63
C HIS C 210 8.82 -25.85 22.32
N GLU C 211 9.21 -26.66 23.31
CA GLU C 211 10.32 -27.61 23.20
C GLU C 211 11.58 -26.93 22.68
N GLN C 212 12.07 -25.98 23.48
CA GLN C 212 13.17 -25.10 23.09
C GLN C 212 14.45 -25.89 22.80
N THR C 213 15.46 -25.17 22.34
CA THR C 213 16.72 -25.75 21.88
C THR C 213 17.70 -25.97 23.03
N THR C 214 18.70 -26.80 22.76
CA THR C 214 19.66 -27.21 23.78
C THR C 214 20.75 -26.17 23.99
N ALA C 215 21.93 -26.60 24.44
CA ALA C 215 23.04 -25.68 24.74
C ALA C 215 24.05 -25.63 23.60
N ALA C 216 24.57 -26.79 23.19
CA ALA C 216 25.52 -26.81 22.08
C ALA C 216 24.84 -26.41 20.78
N GLU C 217 23.52 -26.63 20.69
CA GLU C 217 22.78 -26.19 19.51
C GLU C 217 22.70 -24.67 19.44
N ARG C 218 22.36 -24.03 20.56
CA ARG C 218 22.37 -22.57 20.63
C ARG C 218 23.77 -21.99 20.52
N GLN C 219 24.80 -22.80 20.67
CA GLN C 219 26.16 -22.32 20.44
C GLN C 219 26.50 -22.37 18.96
N THR C 220 26.26 -23.52 18.32
CA THR C 220 26.47 -23.64 16.88
C THR C 220 25.67 -22.59 16.13
N THR C 221 24.41 -22.40 16.53
CA THR C 221 23.51 -21.53 15.79
C THR C 221 23.90 -20.06 15.94
N PHE C 222 24.32 -19.65 17.13
CA PHE C 222 24.85 -18.30 17.32
C PHE C 222 26.06 -18.06 16.43
N ASN C 223 27.02 -18.99 16.43
CA ASN C 223 28.20 -18.83 15.58
C ASN C 223 27.82 -18.71 14.11
N ASP C 224 26.86 -19.53 13.64
CA ASP C 224 26.43 -19.40 12.25
C ASP C 224 25.89 -18.00 11.96
N MET C 225 25.12 -17.44 12.90
CA MET C 225 24.53 -16.12 12.69
C MET C 225 25.60 -15.04 12.62
N ILE C 226 26.59 -15.10 13.50
CA ILE C 226 27.68 -14.13 13.48
C ILE C 226 28.49 -14.27 12.19
N LYS C 227 28.81 -15.51 11.82
CA LYS C 227 29.50 -15.77 10.55
C LYS C 227 28.72 -15.18 9.38
N ILE C 228 27.41 -15.43 9.33
CA ILE C 228 26.56 -14.85 8.28
C ILE C 228 26.67 -13.33 8.28
N ALA C 229 26.53 -12.72 9.46
CA ALA C 229 26.57 -11.26 9.53
C ALA C 229 27.91 -10.72 9.05
N LEU C 230 29.01 -11.34 9.45
CA LEU C 230 30.33 -10.81 9.10
C LEU C 230 30.65 -11.02 7.62
N GLU C 231 30.36 -12.21 7.09
CA GLU C 231 30.55 -12.44 5.66
C GLU C 231 29.63 -11.55 4.84
N SER C 232 28.47 -11.17 5.40
CA SER C 232 27.59 -10.29 4.66
C SER C 232 28.21 -8.91 4.51
N VAL C 233 28.97 -8.46 5.52
CA VAL C 233 29.63 -7.15 5.40
C VAL C 233 30.64 -7.16 4.25
N LEU C 234 31.42 -8.24 4.11
CA LEU C 234 32.40 -8.33 3.02
C LEU C 234 31.71 -8.37 1.66
N LEU C 235 30.56 -9.04 1.57
CA LEU C 235 29.81 -8.98 0.33
C LEU C 235 29.35 -7.56 0.05
N GLY C 236 28.95 -6.82 1.09
CA GLY C 236 28.53 -5.45 0.89
C GLY C 236 29.65 -4.53 0.42
N ASP C 237 30.88 -4.80 0.83
CA ASP C 237 32.02 -4.04 0.32
C ASP C 237 32.28 -4.32 -1.16
N LYS C 238 31.65 -5.38 -1.68
CA LYS C 238 31.40 -5.71 -3.09
C LYS C 238 32.56 -6.50 -3.61
P PO4 D . -20.57 2.07 -8.12
O1 PO4 D . -20.93 2.32 -6.63
O2 PO4 D . -21.25 0.77 -8.60
O3 PO4 D . -21.03 3.33 -8.94
O4 PO4 D . -19.02 1.96 -8.33
C02 A1IEC E . -21.59 -2.38 -3.78
C04 A1IEC E . -20.05 -1.92 -2.34
C05 A1IEC E . -20.65 -3.14 -2.00
C06 A1IEC E . -19.02 -1.44 -1.53
C08 A1IEC E . -19.23 -3.30 -0.18
C11 A1IEC E . -19.94 -5.24 0.64
C12 A1IEC E . -20.53 -4.84 -0.40
N01 A1IEC E . -21.58 -3.38 -2.91
N03 A1IEC E . -20.65 -1.49 -3.44
N07 A1IEC E . -18.64 -2.15 -0.47
N09 A1IEC E . -20.23 -3.78 -0.93
N10 A1IEC E . -19.02 -4.26 0.89
P PO4 F . -0.19 4.83 -12.17
O1 PO4 F . 0.74 5.07 -10.95
O2 PO4 F . 0.03 3.36 -12.68
O3 PO4 F . -1.68 5.04 -11.76
O4 PO4 F . 0.14 5.84 -13.32
C02 A1IEC G . 2.69 10.48 -9.48
C04 A1IEC G . 1.51 10.22 -7.69
C05 A1IEC G . 2.07 11.50 -7.68
C06 A1IEC G . 0.71 9.86 -6.59
C08 A1IEC G . 1.05 11.92 -5.64
C11 A1IEC G . 1.77 14.00 -5.31
C12 A1IEC G . 2.16 13.43 -6.38
N01 A1IEC G . 2.78 11.61 -8.79
N03 A1IEC G . 1.91 9.63 -8.81
N07 A1IEC G . 0.50 10.72 -5.61
N09 A1IEC G . 1.83 12.31 -6.67
N10 A1IEC G . 1.00 13.05 -4.72
P PO4 H . 18.55 -11.16 21.93
O1 PO4 H . 18.39 -10.35 23.27
O2 PO4 H . 18.77 -12.67 22.27
O3 PO4 H . 17.27 -10.97 21.04
O4 PO4 H . 19.79 -10.60 21.16
C02 A1IEC I . 13.09 -14.59 21.73
C04 A1IEC I . 11.86 -12.83 21.92
C05 A1IEC I . 11.05 -13.97 22.04
C06 A1IEC I . 11.23 -11.58 22.02
C08 A1IEC I . 9.19 -12.59 22.34
C11 A1IEC I . 7.62 -14.17 22.57
C12 A1IEC I . 8.81 -14.59 22.38
N01 A1IEC I . 11.84 -15.03 21.92
N03 A1IEC I . 13.11 -13.26 21.73
N07 A1IEC I . 9.92 -11.49 22.22
N09 A1IEC I . 9.75 -13.83 22.25
N10 A1IEC I . 7.77 -12.82 22.56
#